data_5NPD
#
_entry.id   5NPD
#
_cell.length_a   197.312
_cell.length_b   197.312
_cell.length_c   102.772
_cell.angle_alpha   90.00
_cell.angle_beta   90.00
_cell.angle_gamma   120.00
#
_symmetry.space_group_name_H-M   'P 6 2 2'
#
loop_
_entity.id
_entity.type
_entity.pdbx_description
1 polymer 'Oligosaccharide 4-alpha-D-glucosyltransferase'
2 non-polymer 'SULFATE ION'
3 non-polymer 'TETRAETHYLENE GLYCOL'
4 non-polymer 1,2-ETHANEDIOL
5 non-polymer (1~{S},2~{S},3~{S},4~{R},5~{R},6~{S})-5-(hydroxymethyl)-7-azabicyclo[4.1.0]heptane-2,3,4-triol
6 non-polymer 'OXALATE ION'
7 water water
#
_entity_poly.entity_id   1
_entity_poly.type   'polypeptide(L)'
_entity_poly.pdbx_seq_one_letter_code
;NPVKREIHPDAVFYKEHKLRNDGLVITTNQGNIRLQFKSEAAIEVLYRADSKQLPSFALAQPESAIKAQLTETENHLQFS
GGTLTARIQKRPFAISYYRDSELLLAEESGFQVNTDKINFRFYLSPGEKILGGGQRILGMDRRGQRFPLYNRAHYGYSDH
SGQMYFGLPAIMSSKQYILVFDNSASGAMDIGKTESDILQLEAKSGRSAYILVAGNSYPSLIENFTQVTGRQPLPPRWAL
GSFASRFGYRSEAETRATVQKYKTEDFPLDTIVLDLYWFGKDIKGHMGNLDWDKENFPTPLDMMADFKQQGVKTVLITEP
FVLTSSKRWDDAVKAKALAKDPQGQPKAFELYFGNGGIIDVFSKEGSRWFSSIYKDLSKQGVAGWWGNLGEPEMHPEDTQ
HAIGDADTVHNAYGHRWAEMLYQQQLDQFPELRPFIMMRAGFVGSQRYGMIPWTGDVSRTWGGLASQVELALQMSLLGFG
YIHSDLGGFADGETLDKEMYIRWLQYGVFQPVYRPHGQDHIPSEPVFQDEETKAILRPLVKLRYRMLPYIYTAAYQNTLT
GMPLMRPLFFSDEKNPALIDNKTSYFWGDSLLVTPITQAGVESVSIPAPKGVWFDFWKDTRYQTDGAPLTLPTDLHTIPV
LVKAGAFMPYVPAVSTTEDYRSDSLEIHYYADASVPLAQGEIFEDDGKDPNSIKRNQFDLLTLQATHTDNQLHFQLARTG
KGYRGMPERRATTLVIHNASDQYQHLDINGKTIAIAQADCASTPALACYDQERRQLQLVFTWGREALNLRLHKGGRADPA
FLYKVVINSKLEGKPIPNPLLGLDSTRTGHHHHHH
;
_entity_poly.pdbx_strand_id   A
#
loop_
_chem_comp.id
_chem_comp.type
_chem_comp.name
_chem_comp.formula
94B non-polymer (1~{S},2~{S},3~{S},4~{R},5~{R},6~{S})-5-(hydroxymethyl)-7-azabicyclo[4.1.0]heptane-2,3,4-triol 'C7 H13 N O4'
EDO non-polymer 1,2-ETHANEDIOL 'C2 H6 O2'
OXL non-polymer 'OXALATE ION' 'C2 O4 -2'
PG4 non-polymer 'TETRAETHYLENE GLYCOL' 'C8 H18 O5'
SO4 non-polymer 'SULFATE ION' 'O4 S -2'
#
# COMPACT_ATOMS: atom_id res chain seq x y z
N ALA A 11 -32.61 -7.69 26.20
CA ALA A 11 -32.09 -7.58 27.62
C ALA A 11 -31.03 -8.64 27.92
N VAL A 12 -29.80 -8.18 28.21
CA VAL A 12 -28.64 -9.07 28.42
C VAL A 12 -27.96 -8.71 29.73
N PHE A 13 -27.44 -9.73 30.43
CA PHE A 13 -26.71 -9.53 31.67
C PHE A 13 -25.62 -10.55 31.90
N TYR A 14 -24.65 -10.13 32.71
CA TYR A 14 -23.54 -10.96 33.12
C TYR A 14 -24.08 -12.06 34.02
N LYS A 15 -23.64 -13.30 33.82
CA LYS A 15 -23.93 -14.36 34.79
C LYS A 15 -22.69 -14.80 35.52
N GLU A 16 -21.62 -15.10 34.80
CA GLU A 16 -20.43 -15.69 35.39
C GLU A 16 -19.22 -15.55 34.41
N HIS A 17 -17.98 -15.63 34.92
CA HIS A 17 -16.78 -15.70 34.06
C HIS A 17 -15.69 -16.67 34.55
N LYS A 18 -14.66 -16.85 33.74
CA LYS A 18 -13.44 -17.59 34.12
C LYS A 18 -12.29 -17.23 33.17
N LEU A 19 -11.06 -17.45 33.65
CA LEU A 19 -9.83 -17.28 32.86
C LEU A 19 -9.28 -18.62 32.38
N ARG A 20 -9.30 -18.85 31.06
CA ARG A 20 -8.80 -20.12 30.49
C ARG A 20 -7.73 -19.88 29.37
N ASN A 21 -6.50 -20.34 29.59
CA ASN A 21 -5.37 -20.12 28.67
C ASN A 21 -5.21 -18.64 28.28
N ASP A 22 -5.19 -17.77 29.30
CA ASP A 22 -5.06 -16.30 29.20
C ASP A 22 -6.24 -15.49 28.67
N GLY A 23 -7.23 -16.13 28.08
CA GLY A 23 -8.46 -15.46 27.66
C GLY A 23 -9.54 -15.45 28.73
N LEU A 24 -10.27 -14.34 28.80
CA LEU A 24 -11.47 -14.20 29.64
C LEU A 24 -12.71 -14.72 28.93
N VAL A 25 -13.27 -15.82 29.43
CA VAL A 25 -14.55 -16.35 28.91
C VAL A 25 -15.67 -15.93 29.85
N ILE A 26 -16.60 -15.12 29.34
CA ILE A 26 -17.74 -14.59 30.09
C ILE A 26 -18.99 -15.34 29.63
N THR A 27 -19.91 -15.57 30.57
CA THR A 27 -21.21 -16.19 30.28
C THR A 27 -22.28 -15.17 30.57
N THR A 28 -23.13 -14.93 29.58
CA THR A 28 -24.32 -14.11 29.82
C THR A 28 -25.56 -15.04 29.76
N ASN A 29 -26.74 -14.45 29.91
CA ASN A 29 -27.98 -15.17 29.62
C ASN A 29 -28.13 -15.64 28.17
N GLN A 30 -27.41 -15.02 27.22
CA GLN A 30 -27.51 -15.40 25.81
C GLN A 30 -26.41 -16.34 25.32
N GLY A 31 -25.25 -16.34 25.96
CA GLY A 31 -24.19 -17.26 25.58
C GLY A 31 -22.83 -16.84 26.08
N ASN A 32 -21.79 -17.44 25.48
CA ASN A 32 -20.41 -17.16 25.87
C ASN A 32 -19.78 -16.06 24.99
N ILE A 33 -18.92 -15.27 25.61
CA ILE A 33 -18.12 -14.21 24.98
C ILE A 33 -16.63 -14.37 25.36
N ARG A 34 -15.75 -14.61 24.39
CA ARG A 34 -14.30 -14.79 24.65
C ARG A 34 -13.49 -13.52 24.32
N LEU A 35 -12.73 -13.03 25.30
CA LEU A 35 -11.90 -11.83 25.14
C LEU A 35 -10.43 -12.24 25.26
N GLN A 36 -9.68 -12.13 24.16
CA GLN A 36 -8.25 -12.43 24.16
C GLN A 36 -7.49 -11.21 23.63
N PHE A 37 -6.48 -10.79 24.38
CA PHE A 37 -5.58 -9.71 23.97
C PHE A 37 -4.60 -10.33 22.99
N LYS A 38 -4.54 -9.75 21.79
CA LYS A 38 -3.60 -10.21 20.78
C LYS A 38 -2.26 -9.45 20.90
N SER A 39 -2.25 -8.38 21.66
CA SER A 39 -1.06 -7.62 22.02
C SER A 39 -1.49 -6.72 23.16
N GLU A 40 -0.59 -5.88 23.65
CA GLU A 40 -0.90 -4.93 24.72
C GLU A 40 -1.91 -3.84 24.29
N ALA A 41 -2.07 -3.62 22.98
CA ALA A 41 -2.91 -2.55 22.45
C ALA A 41 -4.10 -3.06 21.63
N ALA A 42 -4.32 -4.38 21.59
CA ALA A 42 -5.31 -4.97 20.70
C ALA A 42 -6.04 -6.16 21.31
N ILE A 43 -7.38 -6.14 21.17
CA ILE A 43 -8.25 -7.16 21.76
C ILE A 43 -9.24 -7.75 20.74
N GLU A 44 -9.34 -9.08 20.75
CA GLU A 44 -10.33 -9.81 19.98
C GLU A 44 -11.48 -10.17 20.92
N VAL A 45 -12.69 -9.78 20.53
CA VAL A 45 -13.93 -10.05 21.26
C VAL A 45 -14.79 -10.99 20.40
N LEU A 46 -14.92 -12.26 20.80
CA LEU A 46 -15.66 -13.26 20.04
C LEU A 46 -16.96 -13.58 20.79
N TYR A 47 -18.10 -13.16 20.23
CA TYR A 47 -19.42 -13.58 20.73
C TYR A 47 -19.78 -14.92 20.11
N ARG A 48 -20.80 -15.56 20.69
CA ARG A 48 -21.16 -16.95 20.38
C ARG A 48 -19.97 -17.88 20.47
N ALA A 49 -19.12 -17.66 21.45
CA ALA A 49 -17.82 -18.34 21.54
C ALA A 49 -17.93 -19.84 21.72
N ASP A 50 -19.03 -20.27 22.33
CA ASP A 50 -19.37 -21.69 22.48
C ASP A 50 -19.56 -22.42 21.11
N SER A 51 -20.10 -21.73 20.11
CA SER A 51 -20.48 -22.35 18.82
C SER A 51 -19.35 -22.51 17.79
N LYS A 52 -19.61 -23.30 16.73
CA LYS A 52 -18.69 -23.48 15.59
C LYS A 52 -18.90 -22.34 14.61
N GLN A 53 -17.82 -21.63 14.29
CA GLN A 53 -17.83 -20.45 13.45
C GLN A 53 -16.64 -20.50 12.52
N LEU A 54 -16.70 -19.72 11.45
CA LEU A 54 -15.53 -19.50 10.62
C LEU A 54 -14.40 -18.91 11.51
N PRO A 55 -13.15 -19.29 11.23
CA PRO A 55 -12.04 -18.72 11.99
C PRO A 55 -11.78 -17.27 11.57
N SER A 56 -10.91 -16.63 12.34
CA SER A 56 -10.51 -15.27 12.05
C SER A 56 -9.73 -15.25 10.74
N PHE A 57 -10.00 -14.26 9.90
CA PHE A 57 -9.19 -14.02 8.71
C PHE A 57 -8.24 -12.82 8.93
N ALA A 58 -8.65 -11.88 9.78
CA ALA A 58 -7.92 -10.64 9.97
C ALA A 58 -6.62 -10.82 10.74
N LEU A 59 -6.55 -11.78 11.66
CA LEU A 59 -5.41 -11.89 12.59
C LEU A 59 -4.29 -12.69 11.97
N ALA A 60 -3.08 -12.17 12.07
CA ALA A 60 -1.87 -12.92 11.68
C ALA A 60 -1.60 -14.13 12.60
N GLN A 61 -1.85 -13.95 13.89
CA GLN A 61 -1.69 -15.05 14.88
C GLN A 61 -3.01 -15.23 15.64
N PRO A 62 -3.96 -15.91 15.01
CA PRO A 62 -5.29 -16.02 15.62
C PRO A 62 -5.29 -16.79 16.95
N GLU A 63 -4.34 -17.70 17.14
CA GLU A 63 -4.22 -18.49 18.40
C GLU A 63 -3.69 -17.72 19.61
N SER A 64 -2.98 -16.61 19.40
CA SER A 64 -2.25 -15.97 20.50
C SER A 64 -3.18 -15.26 21.46
N ALA A 65 -2.73 -15.16 22.70
CA ALA A 65 -3.39 -14.41 23.77
C ALA A 65 -2.33 -14.08 24.80
N ILE A 66 -2.04 -12.81 25.01
CA ILE A 66 -1.00 -12.43 25.97
C ILE A 66 -1.58 -12.24 27.35
N LYS A 67 -0.75 -12.42 28.39
CA LYS A 67 -1.18 -12.27 29.79
C LYS A 67 -1.74 -10.87 30.07
N ALA A 68 -2.99 -10.82 30.51
CA ALA A 68 -3.67 -9.59 30.85
C ALA A 68 -4.06 -9.64 32.32
N GLN A 69 -4.35 -8.47 32.88
CA GLN A 69 -4.78 -8.35 34.26
C GLN A 69 -6.32 -8.31 34.29
N LEU A 70 -6.93 -9.07 35.21
CA LEU A 70 -8.39 -9.03 35.44
C LEU A 70 -8.72 -8.55 36.84
N THR A 71 -9.61 -7.55 36.96
CA THR A 71 -10.16 -7.13 38.27
C THR A 71 -11.70 -6.99 38.23
N GLU A 72 -12.32 -7.20 39.39
CA GLU A 72 -13.78 -7.33 39.56
C GLU A 72 -14.30 -6.35 40.62
N THR A 73 -15.41 -5.68 40.30
CA THR A 73 -16.14 -4.84 41.25
C THR A 73 -17.60 -5.31 41.27
N GLU A 74 -18.48 -4.59 41.98
CA GLU A 74 -19.91 -4.94 42.03
C GLU A 74 -20.45 -5.00 40.61
N ASN A 75 -20.40 -3.85 39.94
CA ASN A 75 -21.07 -3.66 38.66
C ASN A 75 -20.25 -4.00 37.39
N HIS A 76 -18.95 -4.27 37.55
CA HIS A 76 -18.01 -4.33 36.40
C HIS A 76 -16.91 -5.41 36.48
N LEU A 77 -16.38 -5.76 35.30
CA LEU A 77 -15.07 -6.41 35.17
C LEU A 77 -14.15 -5.50 34.36
N GLN A 78 -12.84 -5.62 34.61
CA GLN A 78 -11.81 -4.88 33.89
C GLN A 78 -10.72 -5.82 33.45
N PHE A 79 -10.53 -5.89 32.13
CA PHE A 79 -9.57 -6.79 31.52
C PHE A 79 -8.59 -5.89 30.74
N SER A 80 -7.31 -5.91 31.13
N SER A 80 -7.31 -5.91 31.13
CA SER A 80 -6.31 -4.94 30.67
CA SER A 80 -6.31 -4.94 30.67
C SER A 80 -5.01 -5.57 30.17
C SER A 80 -5.01 -5.57 30.17
N GLY A 81 -4.55 -5.10 29.02
CA GLY A 81 -3.17 -5.30 28.55
C GLY A 81 -2.44 -4.01 28.89
N GLY A 82 -1.20 -3.89 28.46
CA GLY A 82 -0.44 -2.64 28.64
C GLY A 82 -1.20 -1.33 28.44
N THR A 83 -1.63 -1.04 27.23
CA THR A 83 -2.26 0.26 26.96
C THR A 83 -3.82 0.19 26.87
N LEU A 84 -4.34 -0.94 26.38
CA LEU A 84 -5.78 -1.11 26.19
C LEU A 84 -6.50 -1.86 27.33
N THR A 85 -7.59 -1.26 27.80
CA THR A 85 -8.48 -1.82 28.82
C THR A 85 -9.94 -2.02 28.36
N ALA A 86 -10.45 -3.25 28.52
CA ALA A 86 -11.89 -3.55 28.38
C ALA A 86 -12.66 -3.38 29.71
N ARG A 87 -13.64 -2.49 29.73
CA ARG A 87 -14.49 -2.29 30.89
C ARG A 87 -15.85 -2.92 30.58
N ILE A 88 -16.14 -4.01 31.29
CA ILE A 88 -17.32 -4.84 31.09
C ILE A 88 -18.36 -4.51 32.16
N GLN A 89 -19.38 -3.73 31.81
CA GLN A 89 -20.54 -3.51 32.68
C GLN A 89 -21.41 -4.80 32.68
N LYS A 90 -21.88 -5.20 33.86
CA LYS A 90 -22.55 -6.50 34.05
C LYS A 90 -24.04 -6.46 33.73
N ARG A 91 -24.75 -5.49 34.30
CA ARG A 91 -26.21 -5.36 34.14
C ARG A 91 -26.51 -3.91 33.82
N PRO A 92 -27.03 -3.59 32.63
CA PRO A 92 -27.05 -4.47 31.43
C PRO A 92 -25.63 -4.75 30.92
N PHE A 93 -25.47 -5.84 30.17
CA PHE A 93 -24.18 -6.18 29.60
C PHE A 93 -23.78 -5.20 28.50
N ALA A 94 -22.58 -4.64 28.63
CA ALA A 94 -22.05 -3.64 27.67
C ALA A 94 -20.56 -3.51 27.94
N ILE A 95 -19.77 -3.68 26.90
CA ILE A 95 -18.33 -3.55 26.99
C ILE A 95 -17.97 -2.19 26.40
N SER A 96 -17.07 -1.51 27.08
CA SER A 96 -16.50 -0.31 26.54
C SER A 96 -14.96 -0.42 26.64
N TYR A 97 -14.27 0.46 25.92
CA TYR A 97 -12.84 0.31 25.70
C TYR A 97 -12.12 1.61 26.00
N TYR A 98 -11.00 1.49 26.71
CA TYR A 98 -10.23 2.64 27.23
C TYR A 98 -8.74 2.50 26.92
N ARG A 99 -8.11 3.61 26.57
CA ARG A 99 -6.64 3.68 26.56
C ARG A 99 -6.34 4.76 27.58
N ASP A 100 -5.55 4.39 28.60
CA ASP A 100 -5.47 5.15 29.88
C ASP A 100 -6.85 5.08 30.54
N SER A 101 -7.39 6.24 30.88
CA SER A 101 -8.76 6.43 31.23
C SER A 101 -9.53 7.23 30.15
N GLU A 102 -9.08 7.18 28.88
CA GLU A 102 -9.85 7.86 27.81
C GLU A 102 -10.75 6.87 27.12
N LEU A 103 -12.03 7.21 27.05
CA LEU A 103 -13.01 6.35 26.42
C LEU A 103 -12.75 6.36 24.93
N LEU A 104 -12.49 5.18 24.38
CA LEU A 104 -12.32 5.01 22.96
C LEU A 104 -13.64 4.72 22.28
N LEU A 105 -14.27 3.61 22.68
CA LEU A 105 -15.46 3.10 22.04
C LEU A 105 -16.31 2.36 23.06
N ALA A 106 -17.62 2.63 23.06
CA ALA A 106 -18.59 1.94 23.93
C ALA A 106 -19.69 1.22 23.11
N GLU A 107 -19.90 -0.07 23.40
CA GLU A 107 -21.10 -0.79 22.95
C GLU A 107 -22.37 -0.05 23.37
N GLU A 108 -23.38 -0.07 22.50
CA GLU A 108 -24.72 0.38 22.85
C GLU A 108 -25.40 -0.95 23.15
N SER A 109 -26.22 -1.49 22.26
CA SER A 109 -26.79 -2.84 22.44
C SER A 109 -25.75 -3.93 22.33
N GLY A 110 -24.63 -3.63 21.66
CA GLY A 110 -23.57 -4.59 21.43
C GLY A 110 -23.98 -5.62 20.41
N PHE A 111 -23.81 -6.89 20.75
CA PHE A 111 -24.13 -8.01 19.88
C PHE A 111 -25.64 -8.35 19.91
N GLN A 112 -26.24 -8.58 18.75
CA GLN A 112 -27.65 -9.00 18.65
C GLN A 112 -27.79 -10.12 17.60
N VAL A 113 -28.76 -11.02 17.88
CA VAL A 113 -28.98 -12.32 17.17
C VAL A 113 -27.69 -13.01 16.72
N LYS A 117 -29.34 -13.05 11.74
CA LYS A 117 -28.26 -12.18 11.28
C LYS A 117 -27.36 -11.70 12.42
N ILE A 118 -26.18 -11.20 12.07
CA ILE A 118 -25.18 -10.73 13.01
C ILE A 118 -25.24 -9.21 13.04
N ASN A 119 -25.25 -8.64 14.23
CA ASN A 119 -25.42 -7.21 14.38
C ASN A 119 -24.62 -6.72 15.60
N PHE A 120 -23.76 -5.73 15.39
CA PHE A 120 -23.05 -5.06 16.46
C PHE A 120 -23.40 -3.58 16.44
N ARG A 121 -23.67 -3.00 17.61
CA ARG A 121 -24.04 -1.61 17.70
C ARG A 121 -23.19 -0.96 18.77
N PHE A 122 -22.60 0.20 18.43
CA PHE A 122 -21.75 1.00 19.32
C PHE A 122 -22.17 2.45 19.25
N TYR A 123 -21.85 3.19 20.33
CA TYR A 123 -22.03 4.65 20.35
C TYR A 123 -20.87 5.34 19.61
N LEU A 124 -21.19 6.42 18.91
CA LEU A 124 -20.19 7.35 18.40
C LEU A 124 -20.22 8.61 19.25
N SER A 125 -19.05 9.14 19.61
CA SER A 125 -18.98 10.34 20.44
C SER A 125 -19.29 11.54 19.57
N PRO A 126 -19.73 12.65 20.17
CA PRO A 126 -20.01 13.78 19.29
C PRO A 126 -18.68 14.35 18.75
N GLY A 127 -18.67 14.74 17.48
CA GLY A 127 -17.46 15.28 16.84
C GLY A 127 -16.44 14.25 16.36
N GLU A 128 -16.60 12.99 16.75
CA GLU A 128 -15.73 11.91 16.31
C GLU A 128 -15.84 11.77 14.78
N LYS A 129 -14.68 11.75 14.08
CA LYS A 129 -14.62 11.56 12.64
C LYS A 129 -14.21 10.13 12.38
N ILE A 130 -14.79 9.53 11.34
CA ILE A 130 -14.54 8.12 11.07
C ILE A 130 -14.08 7.89 9.65
N LEU A 131 -12.82 7.46 9.52
CA LEU A 131 -12.30 6.94 8.26
C LEU A 131 -12.56 5.44 8.23
N GLY A 132 -12.59 4.88 7.03
CA GLY A 132 -12.76 3.44 6.89
C GLY A 132 -13.61 2.95 5.73
N GLY A 133 -13.80 1.63 5.73
CA GLY A 133 -14.61 0.96 4.72
C GLY A 133 -13.84 0.55 3.50
N GLY A 134 -12.54 0.85 3.48
CA GLY A 134 -11.72 0.55 2.27
C GLY A 134 -12.09 1.46 1.13
N GLN A 135 -12.14 0.91 -0.08
CA GLN A 135 -12.41 1.71 -1.25
C GLN A 135 -13.86 2.17 -1.29
N ARG A 136 -14.05 3.46 -1.01
CA ARG A 136 -15.29 4.20 -1.33
C ARG A 136 -14.88 5.60 -1.79
N ILE A 137 -15.72 6.26 -2.59
CA ILE A 137 -15.50 7.67 -2.87
C ILE A 137 -16.70 8.44 -2.31
N LEU A 138 -16.59 8.80 -1.03
CA LEU A 138 -17.65 9.44 -0.24
C LEU A 138 -17.19 10.66 0.57
N GLY A 139 -15.90 11.01 0.53
CA GLY A 139 -15.27 11.89 1.51
C GLY A 139 -14.47 11.09 2.53
N MET A 140 -13.41 11.69 3.06
CA MET A 140 -12.49 10.99 3.98
C MET A 140 -13.17 10.57 5.27
N ASP A 141 -13.98 11.47 5.82
CA ASP A 141 -14.80 11.19 7.00
C ASP A 141 -16.08 10.54 6.50
N ARG A 142 -16.25 9.26 6.81
CA ARG A 142 -17.41 8.47 6.35
C ARG A 142 -18.58 8.47 7.33
N ARG A 143 -18.46 9.22 8.42
CA ARG A 143 -19.55 9.37 9.36
C ARG A 143 -20.72 10.01 8.61
N GLY A 144 -21.93 9.52 8.88
CA GLY A 144 -23.09 9.94 8.12
C GLY A 144 -23.41 9.07 6.91
N GLN A 145 -22.56 8.09 6.59
CA GLN A 145 -22.77 7.20 5.44
C GLN A 145 -23.08 5.79 5.91
N ARG A 146 -23.77 5.07 5.04
CA ARG A 146 -24.08 3.65 5.21
C ARG A 146 -23.70 2.99 3.91
N PHE A 147 -23.11 1.80 3.98
CA PHE A 147 -22.75 1.09 2.76
C PHE A 147 -22.58 -0.40 3.02
N PRO A 148 -22.73 -1.21 1.99
CA PRO A 148 -22.52 -2.63 2.13
C PRO A 148 -21.04 -3.05 2.27
N LEU A 149 -20.86 -4.19 2.91
CA LEU A 149 -19.62 -4.97 2.92
C LEU A 149 -19.79 -6.13 1.99
N TYR A 150 -19.65 -5.85 0.70
CA TYR A 150 -19.72 -6.88 -0.32
C TYR A 150 -18.86 -6.38 -1.48
N ASN A 151 -17.65 -6.96 -1.59
CA ASN A 151 -16.73 -6.65 -2.67
C ASN A 151 -17.44 -6.83 -3.99
N ARG A 152 -17.26 -5.85 -4.88
CA ARG A 152 -18.01 -5.79 -6.10
C ARG A 152 -17.39 -4.79 -7.07
N ALA A 153 -17.41 -5.13 -8.35
CA ALA A 153 -16.87 -4.25 -9.37
C ALA A 153 -17.64 -2.94 -9.48
N HIS A 154 -16.93 -1.88 -9.91
CA HIS A 154 -17.54 -0.61 -10.22
C HIS A 154 -16.85 -0.06 -11.45
N TYR A 155 -17.19 -0.67 -12.57
CA TYR A 155 -16.60 -0.34 -13.82
C TYR A 155 -16.82 1.12 -14.16
N GLY A 156 -15.73 1.86 -14.42
CA GLY A 156 -15.87 3.19 -14.98
C GLY A 156 -16.28 4.21 -13.96
N TYR A 157 -16.04 3.93 -12.69
CA TYR A 157 -16.28 4.89 -11.66
C TYR A 157 -15.49 6.17 -11.91
N SER A 158 -15.98 7.27 -11.35
N SER A 158 -15.96 7.27 -11.33
CA SER A 158 -15.36 8.58 -11.52
CA SER A 158 -15.28 8.55 -11.44
C SER A 158 -15.20 9.24 -10.17
C SER A 158 -15.22 9.19 -10.08
N ASP A 159 -16.21 10.01 -9.73
CA ASP A 159 -16.11 10.84 -8.55
C ASP A 159 -17.02 10.40 -7.42
N HIS A 160 -17.66 9.24 -7.56
CA HIS A 160 -18.54 8.72 -6.50
C HIS A 160 -18.64 7.19 -6.50
N SER A 161 -18.61 6.60 -5.32
CA SER A 161 -18.87 5.19 -5.17
C SER A 161 -19.11 4.85 -3.72
N GLY A 162 -20.26 4.23 -3.44
CA GLY A 162 -20.49 3.56 -2.14
C GLY A 162 -20.04 2.11 -2.03
N GLN A 163 -19.55 1.52 -3.12
CA GLN A 163 -19.27 0.08 -3.09
C GLN A 163 -18.40 -0.25 -4.25
N MET A 164 -17.19 -0.74 -3.98
CA MET A 164 -16.31 -1.10 -5.07
C MET A 164 -15.51 -2.38 -4.77
N TYR A 165 -14.37 -2.54 -5.40
CA TYR A 165 -13.66 -3.82 -5.51
C TYR A 165 -13.17 -4.35 -4.17
N PHE A 166 -12.72 -3.45 -3.30
CA PHE A 166 -11.99 -3.85 -2.13
C PHE A 166 -12.49 -3.01 -0.96
N GLY A 167 -13.57 -3.51 -0.35
CA GLY A 167 -14.01 -2.98 0.92
C GLY A 167 -13.19 -3.62 2.02
N LEU A 168 -13.14 -2.95 3.16
CA LEU A 168 -12.54 -3.47 4.35
C LEU A 168 -13.58 -3.28 5.48
N PRO A 169 -13.85 -4.34 6.25
CA PRO A 169 -14.74 -4.21 7.38
C PRO A 169 -14.00 -3.60 8.55
N ALA A 170 -13.54 -2.37 8.36
CA ALA A 170 -12.75 -1.71 9.39
C ALA A 170 -12.86 -0.20 9.32
N ILE A 171 -12.69 0.43 10.46
CA ILE A 171 -12.69 1.87 10.56
C ILE A 171 -11.54 2.38 11.42
N MET A 172 -11.16 3.63 11.18
CA MET A 172 -10.16 4.34 11.98
C MET A 172 -10.85 5.59 12.44
N SER A 173 -10.81 5.84 13.73
CA SER A 173 -11.44 7.00 14.32
C SER A 173 -10.44 8.08 14.74
N SER A 174 -10.91 9.32 14.76
CA SER A 174 -10.15 10.47 15.32
C SER A 174 -9.81 10.34 16.79
N LYS A 175 -10.40 9.37 17.48
CA LYS A 175 -9.95 8.97 18.82
C LYS A 175 -8.76 8.02 18.80
N GLN A 176 -8.21 7.74 17.62
CA GLN A 176 -7.00 6.93 17.47
C GLN A 176 -7.22 5.49 17.96
N TYR A 177 -8.27 4.87 17.41
CA TYR A 177 -8.46 3.43 17.44
C TYR A 177 -8.84 2.95 16.06
N ILE A 178 -8.56 1.67 15.80
CA ILE A 178 -9.07 0.94 14.66
C ILE A 178 -9.97 -0.19 15.21
N LEU A 179 -11.12 -0.34 14.57
CA LEU A 179 -12.12 -1.37 14.89
C LEU A 179 -12.25 -2.26 13.66
N VAL A 180 -12.01 -3.56 13.80
CA VAL A 180 -12.20 -4.49 12.70
C VAL A 180 -13.40 -5.40 12.98
N PHE A 181 -14.28 -5.52 11.98
CA PHE A 181 -15.36 -6.48 12.00
C PHE A 181 -14.80 -7.72 11.35
N ASP A 182 -14.42 -8.70 12.17
CA ASP A 182 -13.65 -9.84 11.68
C ASP A 182 -14.55 -10.91 11.06
N ASN A 183 -15.18 -10.54 9.97
CA ASN A 183 -16.26 -11.31 9.38
C ASN A 183 -16.15 -11.17 7.88
N SER A 184 -16.29 -12.30 7.22
CA SER A 184 -16.09 -12.41 5.79
C SER A 184 -17.35 -12.34 4.95
N ALA A 185 -18.51 -12.18 5.57
CA ALA A 185 -19.79 -12.36 4.86
C ALA A 185 -20.36 -11.09 4.29
N SER A 186 -21.28 -11.26 3.34
CA SER A 186 -22.11 -10.19 2.87
C SER A 186 -22.74 -9.45 4.07
N GLY A 187 -22.51 -8.14 4.13
CA GLY A 187 -22.83 -7.33 5.27
C GLY A 187 -23.00 -5.87 4.97
N ALA A 188 -22.95 -5.05 6.01
CA ALA A 188 -23.13 -3.62 5.83
C ALA A 188 -22.53 -2.87 7.01
N MET A 189 -22.21 -1.61 6.79
CA MET A 189 -21.72 -0.74 7.83
C MET A 189 -22.54 0.55 7.77
N ASP A 190 -23.00 1.01 8.94
CA ASP A 190 -23.84 2.19 9.08
C ASP A 190 -23.13 3.06 10.09
N ILE A 191 -22.49 4.11 9.61
CA ILE A 191 -21.62 4.92 10.47
C ILE A 191 -22.36 6.19 10.89
N GLY A 192 -23.30 6.03 11.81
CA GLY A 192 -24.14 7.16 12.28
C GLY A 192 -24.99 7.78 11.17
N LYS A 193 -25.44 6.96 10.23
CA LYS A 193 -26.33 7.40 9.18
C LYS A 193 -27.79 7.31 9.66
N THR A 194 -28.28 6.09 9.86
CA THR A 194 -29.66 5.84 10.32
C THR A 194 -29.94 6.49 11.66
N GLU A 195 -29.02 6.30 12.62
CA GLU A 195 -29.11 6.96 13.93
C GLU A 195 -27.79 7.68 14.17
N SER A 196 -27.87 8.99 14.41
CA SER A 196 -26.67 9.84 14.31
C SER A 196 -25.53 9.50 15.28
N ASP A 197 -25.87 8.88 16.41
CA ASP A 197 -24.88 8.50 17.40
C ASP A 197 -24.62 6.98 17.46
N ILE A 198 -24.97 6.24 16.42
CA ILE A 198 -24.76 4.79 16.41
C ILE A 198 -23.93 4.32 15.20
N LEU A 199 -22.90 3.53 15.50
CA LEU A 199 -22.18 2.77 14.51
C LEU A 199 -22.74 1.37 14.55
N GLN A 200 -23.24 0.90 13.41
CA GLN A 200 -23.81 -0.44 13.32
C GLN A 200 -23.08 -1.25 12.27
N LEU A 201 -22.64 -2.45 12.66
CA LEU A 201 -22.03 -3.44 11.77
C LEU A 201 -22.96 -4.66 11.63
N GLU A 202 -23.16 -5.15 10.41
CA GLU A 202 -24.13 -6.22 10.12
C GLU A 202 -23.55 -7.22 9.13
N ALA A 203 -23.89 -8.50 9.29
CA ALA A 203 -23.63 -9.52 8.29
C ALA A 203 -24.75 -10.57 8.25
N LYS A 204 -24.98 -11.17 7.08
CA LYS A 204 -25.91 -12.27 6.90
C LYS A 204 -25.51 -13.55 7.61
N SER A 205 -24.22 -13.72 7.88
CA SER A 205 -23.69 -14.91 8.50
C SER A 205 -22.21 -14.66 8.84
N GLY A 206 -21.47 -15.74 9.13
CA GLY A 206 -20.04 -15.70 9.34
C GLY A 206 -19.70 -15.45 10.80
N ARG A 207 -18.45 -15.14 11.07
CA ARG A 207 -17.92 -15.03 12.42
C ARG A 207 -18.45 -13.80 13.11
N SER A 208 -18.76 -13.93 14.41
CA SER A 208 -19.33 -12.86 15.20
C SER A 208 -18.27 -12.34 16.16
N ALA A 209 -17.33 -11.59 15.60
CA ALA A 209 -16.16 -11.13 16.34
C ALA A 209 -15.81 -9.73 15.87
N TYR A 210 -15.30 -8.93 16.78
CA TYR A 210 -14.61 -7.74 16.40
C TYR A 210 -13.26 -7.64 17.11
N ILE A 211 -12.41 -6.75 16.59
CA ILE A 211 -11.05 -6.51 17.08
C ILE A 211 -10.92 -5.00 17.25
N LEU A 212 -10.57 -4.56 18.46
CA LEU A 212 -10.31 -3.16 18.73
C LEU A 212 -8.78 -3.00 18.91
N VAL A 213 -8.18 -2.06 18.19
CA VAL A 213 -6.75 -1.70 18.34
C VAL A 213 -6.61 -0.23 18.69
N ALA A 214 -5.78 0.08 19.69
CA ALA A 214 -5.53 1.46 20.12
C ALA A 214 -4.08 1.90 19.88
N GLY A 215 -3.87 3.21 19.91
CA GLY A 215 -2.53 3.82 19.71
C GLY A 215 -2.48 5.22 20.28
N ASN A 216 -1.27 5.66 20.64
CA ASN A 216 -1.01 7.01 21.19
C ASN A 216 -0.89 8.10 20.10
N SER A 217 -0.70 7.68 18.86
CA SER A 217 -0.59 8.55 17.70
C SER A 217 -1.05 7.71 16.51
N TYR A 218 -1.25 8.34 15.35
CA TYR A 218 -1.64 7.58 14.17
C TYR A 218 -0.55 6.58 13.72
N PRO A 219 0.74 7.00 13.73
CA PRO A 219 1.80 6.06 13.37
C PRO A 219 1.83 4.81 14.25
N SER A 220 1.70 5.01 15.54
CA SER A 220 1.78 3.89 16.45
C SER A 220 0.45 3.07 16.47
N LEU A 221 -0.69 3.70 16.13
CA LEU A 221 -1.94 2.96 15.92
C LEU A 221 -1.75 1.97 14.78
N ILE A 222 -1.20 2.49 13.68
CA ILE A 222 -0.94 1.69 12.50
C ILE A 222 0.13 0.62 12.79
N GLU A 223 1.10 0.94 13.64
CA GLU A 223 2.10 -0.06 14.03
C GLU A 223 1.45 -1.20 14.81
N ASN A 224 0.55 -0.84 15.70
CA ASN A 224 -0.19 -1.82 16.56
C ASN A 224 -1.14 -2.70 15.74
N PHE A 225 -1.74 -2.09 14.71
CA PHE A 225 -2.63 -2.78 13.81
C PHE A 225 -1.92 -3.78 12.94
N THR A 226 -0.84 -3.34 12.27
CA THR A 226 -0.09 -4.28 11.47
C THR A 226 0.63 -5.30 12.33
N GLN A 227 0.91 -4.99 13.59
CA GLN A 227 1.46 -6.02 14.48
C GLN A 227 0.55 -7.25 14.58
N VAL A 228 -0.76 -7.03 14.74
CA VAL A 228 -1.71 -8.13 14.91
C VAL A 228 -2.36 -8.62 13.62
N THR A 229 -2.48 -7.77 12.57
CA THR A 229 -3.06 -8.19 11.29
C THR A 229 -2.07 -8.68 10.25
N GLY A 230 -0.80 -8.31 10.39
CA GLY A 230 0.26 -8.74 9.49
C GLY A 230 1.02 -7.54 8.92
N ARG A 231 2.32 -7.73 8.75
CA ARG A 231 3.21 -6.75 8.14
C ARG A 231 3.46 -7.19 6.72
N GLN A 232 3.44 -6.22 5.80
CA GLN A 232 3.78 -6.53 4.42
C GLN A 232 5.25 -6.89 4.36
N PRO A 233 5.58 -8.04 3.76
CA PRO A 233 6.97 -8.32 3.48
C PRO A 233 7.44 -7.41 2.35
N LEU A 234 8.74 -7.10 2.40
CA LEU A 234 9.32 -6.16 1.49
C LEU A 234 9.11 -6.71 0.11
N PRO A 235 8.44 -5.97 -0.78
CA PRO A 235 8.38 -6.45 -2.13
C PRO A 235 9.77 -6.40 -2.76
N PRO A 236 9.93 -7.08 -3.89
CA PRO A 236 11.14 -6.98 -4.65
C PRO A 236 11.33 -5.54 -5.16
N ARG A 237 12.58 -5.05 -5.19
CA ARG A 237 12.82 -3.67 -5.57
C ARG A 237 12.23 -3.36 -6.93
N TRP A 238 12.24 -4.33 -7.81
CA TRP A 238 11.66 -4.13 -9.11
C TRP A 238 10.17 -3.74 -9.13
N ALA A 239 9.44 -4.01 -8.07
CA ALA A 239 8.06 -3.57 -7.98
C ALA A 239 7.93 -2.04 -7.92
N LEU A 240 9.01 -1.35 -7.60
CA LEU A 240 9.08 0.11 -7.56
C LEU A 240 9.50 0.73 -8.88
N GLY A 241 9.71 -0.08 -9.89
CA GLY A 241 9.98 0.44 -11.19
C GLY A 241 8.81 0.69 -12.12
N SER A 242 9.17 0.79 -13.39
CA SER A 242 8.27 1.11 -14.48
C SER A 242 7.71 -0.16 -15.08
N PHE A 243 6.38 -0.20 -15.15
CA PHE A 243 5.65 -1.28 -15.78
C PHE A 243 5.12 -0.84 -17.12
N ALA A 244 5.29 -1.70 -18.09
CA ALA A 244 4.55 -1.61 -19.33
C ALA A 244 3.28 -2.49 -19.19
N SER A 245 2.13 -1.87 -19.37
CA SER A 245 0.87 -2.61 -19.31
C SER A 245 -0.18 -1.94 -20.17
N ARG A 246 -1.02 -2.78 -20.78
CA ARG A 246 -2.25 -2.39 -21.42
C ARG A 246 -3.24 -3.60 -21.30
N PHE A 247 -4.49 -3.36 -21.67
CA PHE A 247 -5.45 -4.44 -21.90
C PHE A 247 -5.74 -4.40 -23.35
N GLY A 248 -5.00 -5.14 -24.17
CA GLY A 248 -3.90 -6.05 -23.79
C GLY A 248 -2.98 -6.32 -24.96
N TYR A 249 -1.73 -6.71 -24.69
CA TYR A 249 -0.81 -7.15 -25.77
C TYR A 249 -1.42 -8.39 -26.44
N ARG A 250 -1.62 -8.35 -27.75
CA ARG A 250 -2.32 -9.43 -28.48
C ARG A 250 -1.41 -10.57 -28.92
N SER A 251 -0.10 -10.35 -28.88
CA SER A 251 0.83 -11.34 -29.41
C SER A 251 2.20 -11.19 -28.79
N GLU A 252 3.01 -12.23 -28.99
CA GLU A 252 4.41 -12.21 -28.62
C GLU A 252 5.10 -11.07 -29.37
N ALA A 253 4.85 -10.94 -30.66
CA ALA A 253 5.41 -9.86 -31.47
C ALA A 253 5.12 -8.47 -30.93
N GLU A 254 3.87 -8.25 -30.51
CA GLU A 254 3.46 -6.98 -29.93
C GLU A 254 4.11 -6.70 -28.58
N THR A 255 4.22 -7.75 -27.76
CA THR A 255 4.84 -7.64 -26.47
C THR A 255 6.38 -7.34 -26.66
N ARG A 256 7.05 -8.06 -27.53
CA ARG A 256 8.46 -7.78 -27.84
C ARG A 256 8.63 -6.34 -28.39
N ALA A 257 7.72 -5.90 -29.27
CA ALA A 257 7.74 -4.53 -29.81
C ALA A 257 7.59 -3.47 -28.76
N THR A 258 6.83 -3.77 -27.69
CA THR A 258 6.66 -2.82 -26.61
C THR A 258 7.92 -2.71 -25.73
N VAL A 259 8.58 -3.84 -25.45
CA VAL A 259 9.83 -3.82 -24.70
C VAL A 259 10.85 -3.01 -25.55
N GLN A 260 10.88 -3.27 -26.85
CA GLN A 260 11.74 -2.56 -27.77
C GLN A 260 11.44 -1.07 -27.80
N LYS A 261 10.16 -0.69 -27.70
CA LYS A 261 9.79 0.72 -27.72
C LYS A 261 10.32 1.44 -26.51
N TYR A 262 10.31 0.80 -25.34
CA TYR A 262 10.92 1.41 -24.17
C TYR A 262 12.44 1.66 -24.37
N LYS A 263 13.12 0.70 -25.01
CA LYS A 263 14.55 0.81 -25.26
C LYS A 263 14.86 1.90 -26.26
N THR A 264 14.19 1.88 -27.40
CA THR A 264 14.38 2.88 -28.42
C THR A 264 13.89 4.30 -28.02
N GLU A 265 12.94 4.43 -27.08
CA GLU A 265 12.49 5.75 -26.59
C GLU A 265 13.15 6.19 -25.29
N ASP A 266 14.05 5.39 -24.75
CA ASP A 266 14.81 5.74 -23.57
C ASP A 266 13.91 6.07 -22.37
N PHE A 267 12.93 5.18 -22.12
CA PHE A 267 12.21 5.13 -20.85
C PHE A 267 12.61 3.91 -20.04
N PRO A 268 12.86 4.07 -18.76
CA PRO A 268 13.12 2.93 -17.89
C PRO A 268 11.95 1.90 -17.90
N LEU A 269 12.28 0.62 -17.83
CA LEU A 269 11.27 -0.46 -17.83
C LEU A 269 11.81 -1.61 -17.06
N ASP A 270 11.07 -2.02 -16.04
CA ASP A 270 11.39 -3.23 -15.28
C ASP A 270 10.54 -4.45 -15.62
N THR A 271 9.25 -4.23 -15.95
CA THR A 271 8.27 -5.32 -15.99
C THR A 271 7.25 -5.06 -17.06
N ILE A 272 6.96 -6.11 -17.82
CA ILE A 272 5.87 -6.08 -18.78
C ILE A 272 4.74 -7.03 -18.33
N VAL A 273 3.50 -6.57 -18.46
CA VAL A 273 2.33 -7.23 -17.86
C VAL A 273 1.46 -7.72 -19.00
N LEU A 274 1.13 -9.02 -18.99
CA LEU A 274 0.32 -9.61 -20.03
C LEU A 274 -1.12 -9.86 -19.50
N ASP A 275 -2.06 -9.25 -20.18
CA ASP A 275 -3.50 -9.37 -19.87
C ASP A 275 -4.02 -10.65 -20.64
N LEU A 276 -5.34 -10.81 -20.70
CA LEU A 276 -5.96 -12.14 -20.96
C LEU A 276 -5.72 -12.73 -22.34
N TYR A 277 -5.16 -11.95 -23.28
CA TYR A 277 -4.84 -12.51 -24.59
C TYR A 277 -3.63 -13.50 -24.58
N TRP A 278 -2.89 -13.59 -23.48
CA TRP A 278 -1.80 -14.54 -23.41
C TRP A 278 -2.28 -15.99 -23.44
N PHE A 279 -3.52 -16.19 -23.00
CA PHE A 279 -4.14 -17.53 -23.01
C PHE A 279 -5.28 -17.76 -24.00
N GLY A 280 -5.63 -16.79 -24.81
CA GLY A 280 -6.58 -17.02 -25.90
C GLY A 280 -6.79 -15.79 -26.76
N LYS A 281 -7.26 -15.97 -27.98
CA LYS A 281 -7.38 -14.83 -28.90
C LYS A 281 -8.56 -13.91 -28.70
N ASP A 282 -9.54 -14.28 -27.87
CA ASP A 282 -10.73 -13.44 -27.60
C ASP A 282 -10.86 -13.16 -26.11
N ILE A 283 -11.63 -12.13 -25.79
CA ILE A 283 -11.99 -11.83 -24.40
C ILE A 283 -12.85 -12.97 -23.83
N LYS A 284 -13.79 -13.49 -24.62
CA LYS A 284 -14.72 -14.51 -24.15
C LYS A 284 -14.26 -15.88 -24.60
N GLY A 285 -14.46 -16.88 -23.77
CA GLY A 285 -14.40 -18.26 -24.24
C GLY A 285 -13.20 -19.04 -23.79
N HIS A 286 -12.17 -18.34 -23.29
CA HIS A 286 -10.86 -19.01 -23.01
C HIS A 286 -10.41 -19.01 -21.59
N MET A 287 -11.07 -18.23 -20.75
CA MET A 287 -10.66 -18.08 -19.38
C MET A 287 -10.72 -19.43 -18.66
N GLY A 288 -9.61 -19.79 -18.05
CA GLY A 288 -9.43 -21.06 -17.36
C GLY A 288 -8.42 -21.92 -18.08
N ASN A 289 -8.17 -21.60 -19.36
CA ASN A 289 -7.08 -22.25 -20.10
C ASN A 289 -5.75 -22.22 -19.32
N LEU A 290 -5.42 -21.07 -18.76
CA LEU A 290 -4.20 -20.90 -17.96
C LEU A 290 -2.98 -21.55 -18.62
N ASP A 291 -2.82 -21.24 -19.90
CA ASP A 291 -1.71 -21.73 -20.66
C ASP A 291 -1.64 -20.89 -21.89
N TRP A 292 -0.49 -20.92 -22.55
CA TRP A 292 -0.21 -20.02 -23.65
C TRP A 292 -1.05 -20.27 -24.88
N ASP A 293 -1.59 -19.19 -25.43
CA ASP A 293 -2.18 -19.24 -26.77
C ASP A 293 -1.02 -19.28 -27.77
N LYS A 294 -0.77 -20.46 -28.33
CA LYS A 294 0.44 -20.70 -29.11
C LYS A 294 0.37 -20.14 -30.54
N GLU A 295 -0.83 -19.90 -31.06
CA GLU A 295 -0.97 -19.18 -32.32
C GLU A 295 -0.41 -17.76 -32.23
N ASN A 296 -0.62 -17.08 -31.13
CA ASN A 296 -0.19 -15.70 -30.93
C ASN A 296 1.04 -15.52 -30.03
N PHE A 297 1.34 -16.52 -29.18
CA PHE A 297 2.54 -16.54 -28.33
C PHE A 297 3.29 -17.83 -28.61
N PRO A 298 3.92 -17.93 -29.80
CA PRO A 298 4.51 -19.23 -30.20
C PRO A 298 5.76 -19.69 -29.48
N THR A 299 6.57 -18.78 -28.93
CA THR A 299 7.84 -19.14 -28.27
C THR A 299 8.01 -18.38 -26.97
N PRO A 300 7.17 -18.69 -25.98
CA PRO A 300 7.09 -17.86 -24.80
C PRO A 300 8.20 -18.02 -23.79
N LEU A 301 8.79 -19.21 -23.69
CA LEU A 301 9.97 -19.38 -22.84
C LEU A 301 11.13 -18.50 -23.37
N ASP A 302 11.32 -18.51 -24.66
CA ASP A 302 12.31 -17.65 -25.29
C ASP A 302 11.98 -16.17 -25.07
N MET A 303 10.70 -15.82 -25.19
CA MET A 303 10.26 -14.46 -24.96
C MET A 303 10.66 -13.99 -23.60
N MET A 304 10.31 -14.76 -22.57
CA MET A 304 10.61 -14.38 -21.22
C MET A 304 12.10 -14.34 -20.90
N ALA A 305 12.84 -15.29 -21.44
CA ALA A 305 14.30 -15.33 -21.25
C ALA A 305 14.97 -14.13 -21.93
N ASP A 306 14.53 -13.80 -23.14
CA ASP A 306 15.02 -12.65 -23.93
C ASP A 306 14.76 -11.36 -23.19
N PHE A 307 13.59 -11.25 -22.53
CA PHE A 307 13.30 -10.13 -21.68
C PHE A 307 14.17 -10.11 -20.41
N LYS A 308 14.40 -11.23 -19.75
CA LYS A 308 15.30 -11.24 -18.62
C LYS A 308 16.72 -10.78 -18.99
N GLN A 309 17.22 -11.13 -20.17
CA GLN A 309 18.50 -10.59 -20.66
C GLN A 309 18.52 -9.07 -20.72
N GLN A 310 17.38 -8.44 -20.98
CA GLN A 310 17.30 -6.97 -20.92
C GLN A 310 16.87 -6.45 -19.55
N GLY A 311 16.85 -7.33 -18.54
CA GLY A 311 16.44 -6.92 -17.20
C GLY A 311 14.93 -6.67 -17.02
N VAL A 312 14.12 -7.27 -17.88
CA VAL A 312 12.69 -7.08 -17.89
C VAL A 312 11.95 -8.35 -17.40
N LYS A 313 11.09 -8.19 -16.41
CA LYS A 313 10.27 -9.30 -15.85
C LYS A 313 8.94 -9.42 -16.59
N THR A 314 8.37 -10.63 -16.58
CA THR A 314 7.06 -10.91 -17.17
C THR A 314 6.06 -11.24 -16.07
N VAL A 315 4.93 -10.55 -16.08
CA VAL A 315 3.81 -10.80 -15.15
C VAL A 315 2.56 -11.21 -15.96
N LEU A 316 1.87 -12.24 -15.50
CA LEU A 316 0.70 -12.76 -16.21
C LEU A 316 -0.57 -12.61 -15.36
N ILE A 317 -1.65 -12.29 -16.04
CA ILE A 317 -2.98 -12.24 -15.45
C ILE A 317 -3.51 -13.68 -15.28
N THR A 318 -4.13 -13.91 -14.16
CA THR A 318 -4.93 -15.11 -13.93
C THR A 318 -6.23 -14.67 -13.27
N GLU A 319 -7.24 -15.54 -13.35
CA GLU A 319 -8.59 -15.25 -12.79
C GLU A 319 -9.15 -16.47 -12.03
N PRO A 320 -10.15 -16.25 -11.14
CA PRO A 320 -10.67 -17.40 -10.38
C PRO A 320 -11.58 -18.36 -11.19
N PHE A 321 -11.96 -18.00 -12.40
CA PHE A 321 -13.03 -18.70 -13.13
C PHE A 321 -12.47 -19.65 -14.18
N VAL A 322 -13.08 -20.82 -14.29
CA VAL A 322 -12.77 -21.76 -15.36
C VAL A 322 -14.03 -22.00 -16.17
N LEU A 323 -14.01 -21.59 -17.43
CA LEU A 323 -15.16 -21.70 -18.30
C LEU A 323 -15.37 -23.13 -18.78
N THR A 324 -16.62 -23.46 -19.06
CA THR A 324 -16.93 -24.80 -19.61
C THR A 324 -16.39 -24.98 -21.02
N SER A 325 -16.14 -23.90 -21.75
CA SER A 325 -15.49 -23.98 -23.08
C SER A 325 -13.95 -24.06 -23.02
N SER A 326 -13.37 -23.95 -21.84
CA SER A 326 -11.94 -23.86 -21.70
C SER A 326 -11.33 -25.26 -21.75
N LYS A 327 -10.03 -25.32 -22.10
CA LYS A 327 -9.29 -26.57 -22.15
C LYS A 327 -9.17 -27.26 -20.78
N ARG A 328 -9.37 -26.55 -19.67
CA ARG A 328 -9.22 -27.11 -18.34
C ARG A 328 -10.55 -27.47 -17.59
N TRP A 329 -11.71 -27.24 -18.21
CA TRP A 329 -12.99 -27.60 -17.56
C TRP A 329 -13.02 -29.06 -17.08
N ASP A 330 -12.84 -30.02 -17.98
CA ASP A 330 -12.97 -31.46 -17.62
C ASP A 330 -11.98 -31.83 -16.55
N ASP A 331 -10.74 -31.36 -16.68
CA ASP A 331 -9.72 -31.61 -15.70
C ASP A 331 -10.00 -31.01 -14.33
N ALA A 332 -10.54 -29.80 -14.25
CA ALA A 332 -10.89 -29.20 -12.95
C ALA A 332 -12.08 -29.94 -12.27
N VAL A 333 -13.06 -30.29 -13.09
CA VAL A 333 -14.18 -31.10 -12.58
C VAL A 333 -13.62 -32.43 -12.09
N LYS A 334 -12.77 -33.06 -12.91
CA LYS A 334 -12.22 -34.35 -12.52
C LYS A 334 -11.46 -34.27 -11.19
N ALA A 335 -10.73 -33.17 -10.98
CA ALA A 335 -9.94 -32.98 -9.75
C ALA A 335 -10.72 -32.44 -8.59
N LYS A 336 -12.00 -32.08 -8.78
CA LYS A 336 -12.82 -31.52 -7.71
C LYS A 336 -12.29 -30.17 -7.23
N ALA A 337 -11.76 -29.40 -8.20
CA ALA A 337 -11.14 -28.10 -7.89
C ALA A 337 -12.13 -26.95 -7.86
N LEU A 338 -13.30 -27.13 -8.48
CA LEU A 338 -14.33 -26.09 -8.50
C LEU A 338 -15.28 -26.12 -7.31
N ALA A 339 -15.78 -24.94 -6.94
CA ALA A 339 -16.88 -24.85 -6.01
C ALA A 339 -18.13 -25.58 -6.55
N LYS A 340 -18.94 -26.04 -5.62
CA LYS A 340 -20.07 -26.95 -5.93
C LYS A 340 -21.42 -26.31 -5.65
N ASP A 341 -22.46 -26.89 -6.24
CA ASP A 341 -23.87 -26.59 -5.82
C ASP A 341 -24.23 -27.46 -4.58
N PRO A 342 -25.43 -27.24 -3.98
CA PRO A 342 -25.84 -28.06 -2.81
C PRO A 342 -25.96 -29.58 -3.08
N GLN A 343 -26.28 -29.94 -4.33
CA GLN A 343 -26.27 -31.34 -4.77
C GLN A 343 -24.88 -31.99 -4.79
N GLY A 344 -23.79 -31.20 -4.84
CA GLY A 344 -22.39 -31.74 -4.83
C GLY A 344 -21.66 -31.76 -6.16
N GLN A 345 -22.30 -31.18 -7.18
CA GLN A 345 -21.77 -31.09 -8.52
C GLN A 345 -21.05 -29.73 -8.67
N PRO A 346 -20.13 -29.61 -9.65
CA PRO A 346 -19.51 -28.30 -9.94
C PRO A 346 -20.56 -27.25 -10.35
N LYS A 347 -20.58 -26.13 -9.63
CA LYS A 347 -21.44 -25.02 -9.93
C LYS A 347 -20.94 -24.26 -11.16
N ALA A 348 -21.83 -24.10 -12.13
CA ALA A 348 -21.57 -23.35 -13.33
C ALA A 348 -22.54 -22.18 -13.38
N PHE A 349 -22.11 -21.02 -13.84
CA PHE A 349 -22.95 -19.83 -13.94
C PHE A 349 -22.48 -18.92 -15.07
N GLU A 350 -23.34 -17.99 -15.51
CA GLU A 350 -23.13 -17.30 -16.79
C GLU A 350 -22.37 -16.00 -16.63
N LEU A 351 -21.05 -16.05 -16.76
CA LEU A 351 -20.19 -14.85 -16.73
C LEU A 351 -20.23 -14.10 -18.04
N TYR A 352 -19.79 -12.84 -18.04
CA TYR A 352 -19.56 -12.13 -19.30
C TYR A 352 -18.84 -13.03 -20.33
N PHE A 353 -17.82 -13.72 -19.84
CA PHE A 353 -16.87 -14.49 -20.64
C PHE A 353 -17.50 -15.78 -21.16
N GLY A 354 -18.59 -16.23 -20.50
CA GLY A 354 -19.38 -17.38 -20.91
C GLY A 354 -19.73 -18.18 -19.67
N ASN A 355 -20.24 -19.39 -19.85
CA ASN A 355 -20.68 -20.21 -18.73
C ASN A 355 -19.44 -20.83 -18.01
N GLY A 356 -19.38 -20.76 -16.70
CA GLY A 356 -18.25 -21.33 -15.99
C GLY A 356 -18.36 -21.42 -14.50
N GLY A 357 -17.32 -21.95 -13.89
CA GLY A 357 -17.22 -22.15 -12.46
C GLY A 357 -16.10 -21.34 -11.82
N ILE A 358 -15.96 -21.51 -10.52
CA ILE A 358 -14.98 -20.78 -9.73
C ILE A 358 -14.16 -21.79 -8.95
N ILE A 359 -12.86 -21.59 -8.96
CA ILE A 359 -11.91 -22.47 -8.32
C ILE A 359 -12.09 -22.29 -6.86
N ASP A 360 -12.19 -23.38 -6.12
CA ASP A 360 -12.43 -23.29 -4.70
C ASP A 360 -11.10 -23.24 -3.96
N VAL A 361 -10.61 -22.03 -3.76
CA VAL A 361 -9.32 -21.81 -3.07
C VAL A 361 -9.37 -22.16 -1.60
N PHE A 362 -10.59 -22.25 -1.05
CA PHE A 362 -10.77 -22.71 0.34
C PHE A 362 -10.63 -24.24 0.44
N SER A 363 -10.67 -24.98 -0.65
CA SER A 363 -10.51 -26.45 -0.56
C SER A 363 -9.07 -26.91 -0.76
N LYS A 364 -8.81 -28.13 -0.31
CA LYS A 364 -7.53 -28.78 -0.48
C LYS A 364 -7.31 -29.07 -1.93
N GLU A 365 -8.33 -29.62 -2.60
CA GLU A 365 -8.21 -30.03 -3.99
C GLU A 365 -8.06 -28.83 -4.96
N GLY A 366 -8.86 -27.81 -4.73
CA GLY A 366 -8.80 -26.58 -5.49
C GLY A 366 -7.46 -25.89 -5.31
N SER A 367 -6.98 -25.80 -4.07
CA SER A 367 -5.69 -25.20 -3.78
C SER A 367 -4.54 -25.94 -4.45
N ARG A 368 -4.54 -27.26 -4.39
CA ARG A 368 -3.48 -28.05 -4.99
C ARG A 368 -3.50 -27.93 -6.51
N TRP A 369 -4.70 -27.98 -7.09
CA TRP A 369 -4.83 -27.91 -8.50
C TRP A 369 -4.35 -26.55 -9.03
N PHE A 370 -4.75 -25.47 -8.35
CA PHE A 370 -4.47 -24.12 -8.82
C PHE A 370 -2.97 -23.83 -8.64
N SER A 371 -2.45 -24.15 -7.46
CA SER A 371 -1.02 -24.06 -7.14
C SER A 371 -0.08 -24.74 -8.14
N SER A 372 -0.48 -25.95 -8.57
N SER A 372 -0.45 -25.94 -8.60
CA SER A 372 0.27 -26.69 -9.58
CA SER A 372 0.33 -26.67 -9.60
C SER A 372 0.41 -25.95 -10.91
C SER A 372 0.41 -25.96 -10.95
N ILE A 373 -0.65 -25.25 -11.29
CA ILE A 373 -0.64 -24.46 -12.53
C ILE A 373 0.32 -23.26 -12.35
N TYR A 374 0.24 -22.54 -11.25
CA TYR A 374 1.16 -21.43 -10.98
C TYR A 374 2.63 -21.92 -10.92
N LYS A 375 2.85 -23.09 -10.33
CA LYS A 375 4.18 -23.69 -10.28
C LYS A 375 4.72 -23.96 -11.67
N ASP A 376 3.91 -24.60 -12.51
CA ASP A 376 4.33 -24.87 -13.87
C ASP A 376 4.73 -23.60 -14.67
N LEU A 377 3.88 -22.59 -14.65
CA LEU A 377 4.17 -21.37 -15.40
C LEU A 377 5.37 -20.62 -14.80
N SER A 378 5.54 -20.66 -13.49
CA SER A 378 6.62 -19.95 -12.85
C SER A 378 7.97 -20.58 -13.20
N LYS A 379 7.94 -21.90 -13.34
CA LYS A 379 9.10 -22.66 -13.81
C LYS A 379 9.47 -22.23 -15.23
N GLN A 380 8.50 -21.84 -16.04
CA GLN A 380 8.78 -21.43 -17.41
C GLN A 380 9.44 -20.05 -17.53
N GLY A 381 9.40 -19.24 -16.49
CA GLY A 381 9.99 -17.90 -16.48
C GLY A 381 9.14 -16.77 -15.97
N VAL A 382 7.89 -17.02 -15.55
CA VAL A 382 7.03 -15.95 -15.06
C VAL A 382 7.53 -15.44 -13.70
N ALA A 383 7.73 -14.11 -13.58
CA ALA A 383 8.33 -13.51 -12.37
C ALA A 383 7.39 -13.09 -11.33
N GLY A 384 6.15 -12.86 -11.75
CA GLY A 384 5.14 -12.34 -10.89
C GLY A 384 3.76 -12.54 -11.47
N TRP A 385 2.77 -12.26 -10.63
CA TRP A 385 1.40 -12.67 -10.88
C TRP A 385 0.39 -11.55 -10.61
N TRP A 386 -0.60 -11.53 -11.49
CA TRP A 386 -1.68 -10.59 -11.43
C TRP A 386 -2.97 -11.46 -11.26
N GLY A 387 -3.65 -11.33 -10.13
CA GLY A 387 -4.93 -12.05 -9.91
C GLY A 387 -6.09 -11.08 -10.03
N ASN A 388 -6.83 -11.15 -11.12
CA ASN A 388 -7.93 -10.24 -11.35
C ASN A 388 -9.28 -10.92 -11.03
N LEU A 389 -10.33 -10.12 -10.76
CA LEU A 389 -11.72 -10.61 -10.55
C LEU A 389 -11.94 -11.37 -9.25
N GLY A 390 -11.11 -11.12 -8.24
CA GLY A 390 -11.17 -11.82 -6.95
C GLY A 390 -12.24 -11.34 -5.95
N GLU A 391 -13.19 -10.52 -6.39
CA GLU A 391 -14.22 -10.02 -5.46
C GLU A 391 -15.01 -11.16 -4.74
N PRO A 392 -15.34 -12.29 -5.38
CA PRO A 392 -15.24 -12.60 -6.80
C PRO A 392 -16.22 -11.82 -7.58
N GLU A 393 -15.90 -11.49 -8.82
CA GLU A 393 -16.72 -10.55 -9.58
C GLU A 393 -18.19 -11.03 -9.76
N MET A 394 -18.35 -12.31 -10.03
CA MET A 394 -19.65 -12.94 -9.92
C MET A 394 -19.54 -14.12 -9.00
N HIS A 395 -20.53 -14.27 -8.12
CA HIS A 395 -20.47 -15.22 -7.03
C HIS A 395 -21.88 -15.54 -6.55
N PRO A 396 -22.62 -16.36 -7.33
CA PRO A 396 -24.01 -16.71 -6.94
C PRO A 396 -24.11 -17.28 -5.53
N GLU A 397 -25.15 -16.89 -4.82
CA GLU A 397 -25.30 -17.21 -3.40
C GLU A 397 -25.35 -18.70 -3.06
N ASP A 398 -25.86 -19.52 -3.96
CA ASP A 398 -25.88 -20.98 -3.71
C ASP A 398 -24.58 -21.70 -4.07
N THR A 399 -23.53 -20.95 -4.41
CA THR A 399 -22.21 -21.56 -4.61
C THR A 399 -21.68 -22.02 -3.25
N GLN A 400 -21.12 -23.23 -3.21
CA GLN A 400 -20.65 -23.83 -1.97
C GLN A 400 -19.14 -24.06 -2.03
N HIS A 401 -18.43 -23.47 -1.07
CA HIS A 401 -16.99 -23.67 -0.93
C HIS A 401 -16.82 -24.63 0.19
N ALA A 402 -15.63 -25.20 0.32
CA ALA A 402 -15.35 -26.15 1.39
C ALA A 402 -15.70 -25.68 2.79
N ILE A 403 -15.69 -24.38 3.07
CA ILE A 403 -15.94 -23.89 4.44
C ILE A 403 -17.22 -23.06 4.63
N GLY A 404 -18.01 -22.89 3.59
CA GLY A 404 -19.20 -22.06 3.68
C GLY A 404 -19.72 -21.72 2.31
N ASP A 405 -20.92 -21.12 2.27
CA ASP A 405 -21.48 -20.72 1.00
C ASP A 405 -20.89 -19.35 0.57
N ALA A 406 -21.14 -18.98 -0.67
CA ALA A 406 -20.62 -17.75 -1.27
C ALA A 406 -20.85 -16.52 -0.40
N ASP A 407 -22.09 -16.31 0.06
CA ASP A 407 -22.39 -15.13 0.85
C ASP A 407 -21.70 -15.11 2.17
N THR A 408 -21.30 -16.27 2.68
CA THR A 408 -20.58 -16.33 3.95
C THR A 408 -19.07 -16.02 3.82
N VAL A 409 -18.44 -16.52 2.76
CA VAL A 409 -16.97 -16.41 2.50
C VAL A 409 -16.52 -15.27 1.55
N HIS A 410 -17.50 -14.61 0.91
CA HIS A 410 -17.28 -13.72 -0.22
C HIS A 410 -16.07 -12.76 -0.07
N ASN A 411 -16.03 -12.03 1.01
CA ASN A 411 -15.06 -10.97 1.22
C ASN A 411 -13.68 -11.45 1.61
N ALA A 412 -13.50 -12.78 1.69
CA ALA A 412 -12.25 -13.41 2.05
C ALA A 412 -11.71 -14.26 0.94
N TYR A 413 -12.45 -14.39 -0.16
CA TYR A 413 -12.02 -15.24 -1.28
C TYR A 413 -10.63 -14.79 -1.80
N GLY A 414 -10.50 -13.48 -2.08
CA GLY A 414 -9.24 -12.93 -2.70
C GLY A 414 -8.08 -13.03 -1.74
N HIS A 415 -8.38 -12.84 -0.45
CA HIS A 415 -7.45 -13.01 0.67
C HIS A 415 -6.86 -14.42 0.70
N ARG A 416 -7.69 -15.42 0.53
CA ARG A 416 -7.21 -16.80 0.56
C ARG A 416 -6.52 -17.15 -0.74
N TRP A 417 -7.00 -16.57 -1.83
CA TRP A 417 -6.30 -16.69 -3.12
C TRP A 417 -4.81 -16.20 -2.98
N ALA A 418 -4.63 -15.03 -2.40
CA ALA A 418 -3.31 -14.46 -2.13
C ALA A 418 -2.49 -15.34 -1.22
N GLU A 419 -3.10 -15.85 -0.16
CA GLU A 419 -2.37 -16.71 0.77
C GLU A 419 -1.84 -17.96 0.05
N MET A 420 -2.73 -18.59 -0.72
CA MET A 420 -2.43 -19.77 -1.45
C MET A 420 -1.21 -19.49 -2.35
N LEU A 421 -1.30 -18.40 -3.12
CA LEU A 421 -0.29 -18.08 -4.11
C LEU A 421 1.03 -17.67 -3.45
N TYR A 422 0.96 -16.87 -2.40
CA TYR A 422 2.14 -16.51 -1.66
C TYR A 422 2.88 -17.72 -1.12
N GLN A 423 2.18 -18.63 -0.43
CA GLN A 423 2.80 -19.84 0.10
C GLN A 423 3.40 -20.69 -1.01
N GLN A 424 2.70 -20.79 -2.15
CA GLN A 424 3.20 -21.54 -3.28
C GLN A 424 4.49 -20.92 -3.85
N GLN A 425 4.52 -19.59 -3.94
CA GLN A 425 5.69 -18.90 -4.54
C GLN A 425 6.88 -19.02 -3.63
N LEU A 426 6.68 -18.86 -2.32
CA LEU A 426 7.74 -19.06 -1.35
C LEU A 426 8.27 -20.49 -1.30
N ASP A 427 7.40 -21.46 -1.56
CA ASP A 427 7.82 -22.82 -1.51
C ASP A 427 8.64 -23.14 -2.77
N GLN A 428 8.21 -22.64 -3.92
CA GLN A 428 8.96 -22.81 -5.15
C GLN A 428 10.29 -22.03 -5.19
N PHE A 429 10.29 -20.79 -4.71
CA PHE A 429 11.45 -19.87 -4.78
C PHE A 429 11.68 -19.23 -3.41
N PRO A 430 12.26 -20.00 -2.46
CA PRO A 430 12.56 -19.51 -1.11
C PRO A 430 13.47 -18.27 -1.05
N GLU A 431 14.23 -18.06 -2.12
CA GLU A 431 15.16 -16.96 -2.20
C GLU A 431 14.63 -15.76 -2.94
N LEU A 432 13.34 -15.75 -3.29
CA LEU A 432 12.74 -14.61 -3.99
C LEU A 432 11.51 -14.09 -3.29
N ARG A 433 11.25 -12.82 -3.52
CA ARG A 433 10.09 -12.15 -2.97
C ARG A 433 8.92 -12.27 -3.94
N PRO A 434 7.81 -12.88 -3.51
CA PRO A 434 6.67 -12.90 -4.42
C PRO A 434 6.12 -11.53 -4.77
N PHE A 435 5.72 -11.39 -6.03
CA PHE A 435 4.94 -10.29 -6.53
C PHE A 435 3.51 -10.77 -6.89
N ILE A 436 2.56 -10.27 -6.13
CA ILE A 436 1.13 -10.66 -6.23
C ILE A 436 0.27 -9.38 -6.25
N MET A 437 -0.30 -9.10 -7.41
CA MET A 437 -1.14 -7.94 -7.61
C MET A 437 -2.60 -8.40 -7.70
N MET A 438 -3.46 -7.88 -6.85
CA MET A 438 -4.85 -8.32 -6.81
C MET A 438 -5.80 -7.16 -6.51
N ARG A 439 -7.06 -7.36 -6.87
CA ARG A 439 -8.11 -6.34 -6.89
C ARG A 439 -8.97 -6.32 -5.66
N ALA A 440 -8.93 -7.42 -4.92
CA ALA A 440 -9.81 -7.62 -3.78
C ALA A 440 -9.15 -8.49 -2.75
N GLY A 441 -9.32 -8.08 -1.49
CA GLY A 441 -8.80 -8.85 -0.35
C GLY A 441 -9.64 -8.58 0.88
N PHE A 442 -8.98 -8.76 2.01
CA PHE A 442 -9.57 -8.60 3.31
C PHE A 442 -8.54 -7.93 4.24
N VAL A 443 -8.96 -7.56 5.44
CA VAL A 443 -8.02 -7.08 6.46
C VAL A 443 -6.92 -8.14 6.62
N GLY A 444 -5.68 -7.70 6.48
CA GLY A 444 -4.50 -8.57 6.70
C GLY A 444 -3.93 -9.22 5.46
N SER A 445 -4.58 -9.02 4.32
CA SER A 445 -4.07 -9.57 3.07
C SER A 445 -2.66 -9.05 2.69
N GLN A 446 -2.27 -7.90 3.24
CA GLN A 446 -0.89 -7.39 3.11
C GLN A 446 0.16 -8.39 3.61
N ARG A 447 -0.20 -9.29 4.53
CA ARG A 447 0.77 -10.29 5.04
C ARG A 447 1.13 -11.30 3.99
N TYR A 448 0.30 -11.45 2.97
CA TYR A 448 0.57 -12.30 1.84
C TYR A 448 1.17 -11.53 0.64
N GLY A 449 1.71 -10.34 0.90
CA GLY A 449 2.29 -9.53 -0.15
C GLY A 449 1.30 -8.86 -1.09
N MET A 450 0.01 -8.74 -0.72
CA MET A 450 -0.94 -8.24 -1.71
C MET A 450 -0.67 -6.78 -2.06
N ILE A 451 -0.60 -6.52 -3.36
CA ILE A 451 -0.44 -5.20 -3.92
C ILE A 451 -1.73 -4.89 -4.69
N PRO A 452 -2.61 -4.07 -4.09
CA PRO A 452 -3.92 -3.79 -4.73
C PRO A 452 -3.88 -2.57 -5.64
N TRP A 453 -4.76 -2.56 -6.62
CA TRP A 453 -4.98 -1.39 -7.46
C TRP A 453 -6.49 -1.07 -7.45
N THR A 454 -6.82 0.20 -7.74
CA THR A 454 -8.21 0.69 -7.61
C THR A 454 -9.15 0.40 -8.77
N GLY A 455 -8.90 -0.70 -9.49
CA GLY A 455 -9.77 -1.20 -10.51
C GLY A 455 -9.96 -0.37 -11.77
N ASP A 456 -11.16 -0.50 -12.36
CA ASP A 456 -11.41 -0.08 -13.72
C ASP A 456 -11.86 1.39 -13.79
N VAL A 457 -10.97 2.28 -13.35
CA VAL A 457 -11.28 3.71 -13.27
C VAL A 457 -11.52 4.31 -14.66
N SER A 458 -12.47 5.23 -14.77
CA SER A 458 -12.76 5.90 -16.05
C SER A 458 -11.57 6.79 -16.43
N ARG A 459 -11.44 7.05 -17.72
CA ARG A 459 -10.51 8.06 -18.24
C ARG A 459 -11.05 9.49 -18.11
N THR A 460 -11.26 9.92 -16.89
CA THR A 460 -11.78 11.24 -16.63
C THR A 460 -11.03 11.88 -15.48
N TRP A 461 -11.07 13.23 -15.47
CA TRP A 461 -10.52 13.99 -14.37
C TRP A 461 -11.08 13.55 -13.03
N GLY A 462 -12.38 13.25 -13.00
CA GLY A 462 -12.99 12.73 -11.78
C GLY A 462 -12.39 11.42 -11.30
N GLY A 463 -12.08 10.51 -12.21
CA GLY A 463 -11.38 9.28 -11.81
C GLY A 463 -9.99 9.56 -11.18
N LEU A 464 -9.25 10.51 -11.76
CA LEU A 464 -7.97 10.96 -11.16
C LEU A 464 -8.16 11.61 -9.82
N ALA A 465 -9.17 12.50 -9.74
CA ALA A 465 -9.41 13.28 -8.53
C ALA A 465 -9.78 12.43 -7.32
N SER A 466 -10.22 11.19 -7.56
CA SER A 466 -10.56 10.27 -6.48
C SER A 466 -9.42 9.40 -5.98
N GLN A 467 -8.31 9.36 -6.69
CA GLN A 467 -7.23 8.38 -6.36
C GLN A 467 -6.53 8.60 -5.03
N VAL A 468 -6.35 9.87 -4.62
CA VAL A 468 -5.71 10.14 -3.33
C VAL A 468 -6.60 9.67 -2.19
N GLU A 469 -7.91 9.96 -2.30
CA GLU A 469 -8.84 9.50 -1.26
C GLU A 469 -8.76 7.96 -1.15
N LEU A 470 -8.92 7.27 -2.25
CA LEU A 470 -8.82 5.82 -2.26
C LEU A 470 -7.49 5.31 -1.69
N ALA A 471 -6.39 5.95 -2.08
CA ALA A 471 -5.09 5.49 -1.65
C ALA A 471 -4.88 5.66 -0.18
N LEU A 472 -5.29 6.80 0.38
CA LEU A 472 -5.12 7.04 1.80
C LEU A 472 -6.00 6.13 2.65
N GLN A 473 -7.23 5.88 2.20
CA GLN A 473 -8.13 5.00 2.96
C GLN A 473 -7.57 3.58 3.04
N MET A 474 -6.99 3.09 1.95
CA MET A 474 -6.37 1.75 1.93
C MET A 474 -5.03 1.69 2.67
N SER A 475 -4.21 2.74 2.49
CA SER A 475 -2.92 2.88 3.20
C SER A 475 -3.04 2.89 4.68
N LEU A 476 -4.04 3.64 5.17
CA LEU A 476 -4.29 3.74 6.59
C LEU A 476 -4.65 2.41 7.30
N LEU A 477 -5.20 1.46 6.55
CA LEU A 477 -5.63 0.16 7.07
C LEU A 477 -4.85 -1.02 6.49
N GLY A 478 -3.58 -0.79 6.17
CA GLY A 478 -2.64 -1.88 5.93
C GLY A 478 -2.02 -2.05 4.56
N PHE A 479 -2.46 -1.27 3.56
CA PHE A 479 -2.11 -1.53 2.19
C PHE A 479 -1.20 -0.42 1.58
N GLY A 480 0.08 -0.56 1.83
CA GLY A 480 1.05 0.45 1.42
C GLY A 480 1.19 0.67 -0.05
N TYR A 481 0.94 -0.37 -0.86
CA TYR A 481 1.17 -0.38 -2.27
C TYR A 481 -0.06 -0.22 -3.12
N ILE A 482 -1.15 0.26 -2.53
CA ILE A 482 -2.34 0.67 -3.25
C ILE A 482 -1.94 1.70 -4.33
N HIS A 483 -2.43 1.50 -5.56
CA HIS A 483 -2.16 2.40 -6.67
C HIS A 483 -3.31 2.41 -7.68
N SER A 484 -3.16 3.20 -8.75
CA SER A 484 -4.17 3.24 -9.82
C SER A 484 -3.56 2.83 -11.11
N ASP A 485 -4.45 2.45 -12.02
CA ASP A 485 -4.16 2.34 -13.43
C ASP A 485 -3.82 3.74 -13.94
N LEU A 486 -2.52 4.03 -14.04
CA LEU A 486 -2.11 5.38 -14.44
C LEU A 486 -2.57 5.78 -15.86
N GLY A 487 -3.14 6.98 -15.93
CA GLY A 487 -3.72 7.51 -17.16
C GLY A 487 -5.20 7.19 -17.32
N GLY A 488 -5.72 6.31 -16.46
CA GLY A 488 -7.09 5.81 -16.56
C GLY A 488 -7.26 4.61 -17.46
N PHE A 489 -8.29 3.82 -17.15
CA PHE A 489 -8.51 2.51 -17.76
C PHE A 489 -9.65 2.42 -18.76
N ALA A 490 -10.84 2.83 -18.32
CA ALA A 490 -12.11 2.49 -18.98
C ALA A 490 -12.57 3.55 -19.98
N ASP A 491 -12.97 3.06 -21.16
CA ASP A 491 -13.73 3.76 -22.19
C ASP A 491 -12.86 4.86 -22.79
N GLY A 492 -13.43 6.05 -23.05
CA GLY A 492 -12.78 7.09 -23.81
C GLY A 492 -12.75 6.68 -25.26
N GLU A 493 -12.72 7.67 -26.14
CA GLU A 493 -12.49 7.41 -27.57
C GLU A 493 -11.19 8.05 -28.04
N THR A 494 -10.66 9.01 -27.34
CA THR A 494 -9.41 9.61 -27.75
C THR A 494 -8.71 10.11 -26.50
N LEU A 495 -7.38 10.13 -26.55
CA LEU A 495 -6.57 10.45 -25.38
C LEU A 495 -6.88 11.84 -24.86
N ASP A 496 -7.12 11.99 -23.58
CA ASP A 496 -7.18 13.32 -23.01
C ASP A 496 -5.73 13.57 -22.54
N LYS A 497 -4.97 14.25 -23.40
CA LYS A 497 -3.52 14.42 -23.23
C LYS A 497 -3.18 15.07 -21.92
N GLU A 498 -3.91 16.12 -21.53
CA GLU A 498 -3.60 16.81 -20.27
C GLU A 498 -3.88 15.99 -19.04
N MET A 499 -5.02 15.29 -19.05
CA MET A 499 -5.35 14.42 -17.94
C MET A 499 -4.29 13.30 -17.86
N TYR A 500 -3.94 12.72 -18.99
CA TYR A 500 -2.93 11.64 -19.02
C TYR A 500 -1.60 12.08 -18.38
N ILE A 501 -1.11 13.24 -18.80
CA ILE A 501 0.15 13.80 -18.28
C ILE A 501 0.05 13.97 -16.78
N ARG A 502 -1.03 14.60 -16.33
CA ARG A 502 -1.21 14.84 -14.91
C ARG A 502 -1.28 13.54 -14.06
N TRP A 503 -1.88 12.52 -14.63
CA TRP A 503 -2.05 11.23 -13.92
C TRP A 503 -0.68 10.56 -13.82
N LEU A 504 0.09 10.60 -14.90
CA LEU A 504 1.42 10.02 -14.84
C LEU A 504 2.46 10.82 -14.04
N GLN A 505 2.23 12.14 -13.83
CA GLN A 505 3.08 12.96 -12.94
C GLN A 505 2.79 12.57 -11.50
N TYR A 506 1.50 12.53 -11.18
CA TYR A 506 1.05 12.00 -9.91
C TYR A 506 1.63 10.59 -9.72
N GLY A 507 1.58 9.76 -10.74
CA GLY A 507 2.14 8.40 -10.66
C GLY A 507 3.49 8.28 -9.94
N VAL A 508 4.38 9.24 -10.19
CA VAL A 508 5.76 9.21 -9.67
C VAL A 508 5.77 9.22 -8.17
N PHE A 509 4.76 9.88 -7.59
CA PHE A 509 4.62 10.07 -6.16
C PHE A 509 3.50 9.22 -5.54
N GLN A 510 3.32 8.04 -6.09
CA GLN A 510 2.43 7.07 -5.49
C GLN A 510 3.02 5.65 -5.69
N PRO A 511 2.47 4.64 -5.00
CA PRO A 511 3.29 3.45 -4.79
C PRO A 511 3.81 2.60 -5.96
N VAL A 512 3.02 2.39 -7.00
CA VAL A 512 3.43 1.46 -8.08
C VAL A 512 3.21 2.18 -9.39
N TYR A 513 4.26 2.22 -10.25
CA TYR A 513 4.24 3.02 -11.47
C TYR A 513 3.72 2.15 -12.62
N ARG A 514 2.38 2.00 -12.70
CA ARG A 514 1.80 1.08 -13.65
C ARG A 514 0.70 1.77 -14.45
N PRO A 515 1.05 2.43 -15.52
CA PRO A 515 0.02 2.89 -16.46
C PRO A 515 -0.62 1.68 -17.11
N HIS A 516 -1.94 1.74 -17.28
CA HIS A 516 -2.72 0.59 -17.76
C HIS A 516 -4.10 1.07 -18.25
N GLY A 517 -4.48 0.70 -19.47
CA GLY A 517 -5.76 1.07 -20.01
C GLY A 517 -6.17 0.19 -21.13
N GLN A 518 -7.44 0.27 -21.48
CA GLN A 518 -7.97 -0.48 -22.63
C GLN A 518 -7.28 0.04 -23.88
N ASP A 519 -6.87 -0.89 -24.73
CA ASP A 519 -5.86 -0.65 -25.76
C ASP A 519 -6.31 0.09 -27.03
N HIS A 520 -7.56 0.55 -27.10
CA HIS A 520 -7.95 1.51 -28.14
C HIS A 520 -7.32 2.91 -27.92
N ILE A 521 -6.82 3.18 -26.72
CA ILE A 521 -6.00 4.36 -26.43
C ILE A 521 -4.73 3.83 -25.68
N PRO A 522 -3.52 4.18 -26.14
CA PRO A 522 -2.29 3.72 -25.45
C PRO A 522 -2.13 4.19 -24.02
N SER A 523 -1.86 3.27 -23.11
CA SER A 523 -1.57 3.58 -21.72
C SER A 523 -0.08 3.82 -21.46
N GLU A 524 0.77 3.22 -22.29
CA GLU A 524 2.22 3.29 -22.02
C GLU A 524 2.81 4.67 -22.48
N PRO A 525 3.68 5.27 -21.66
CA PRO A 525 4.20 6.62 -21.99
C PRO A 525 4.99 6.68 -23.26
N VAL A 526 5.56 5.53 -23.64
CA VAL A 526 6.39 5.43 -24.82
C VAL A 526 5.63 5.58 -26.14
N PHE A 527 4.32 5.41 -26.09
CA PHE A 527 3.48 5.54 -27.27
C PHE A 527 2.79 6.92 -27.38
N GLN A 528 3.30 7.91 -26.67
CA GLN A 528 2.66 9.22 -26.60
C GLN A 528 3.40 10.17 -27.56
N ASP A 529 2.85 11.35 -27.78
CA ASP A 529 3.48 12.28 -28.72
C ASP A 529 4.77 12.89 -28.13
N GLU A 530 5.52 13.64 -28.96
CA GLU A 530 6.81 14.17 -28.54
C GLU A 530 6.71 15.07 -27.31
N GLU A 531 5.71 15.93 -27.23
CA GLU A 531 5.56 16.79 -26.07
C GLU A 531 5.32 15.99 -24.78
N THR A 532 4.48 14.96 -24.89
CA THR A 532 4.15 14.17 -23.70
C THR A 532 5.40 13.42 -23.23
N LYS A 533 6.13 12.83 -24.14
CA LYS A 533 7.35 12.10 -23.77
C LYS A 533 8.42 13.03 -23.22
N ALA A 534 8.52 14.26 -23.71
CA ALA A 534 9.51 15.22 -23.18
C ALA A 534 9.18 15.64 -21.77
N ILE A 535 7.88 15.67 -21.44
CA ILE A 535 7.47 15.90 -20.07
C ILE A 535 7.73 14.68 -19.16
N LEU A 536 7.31 13.51 -19.62
CA LEU A 536 7.26 12.33 -18.74
C LEU A 536 8.61 11.57 -18.65
N ARG A 537 9.43 11.56 -19.69
CA ARG A 537 10.71 10.84 -19.65
C ARG A 537 11.57 11.25 -18.46
N PRO A 538 11.79 12.56 -18.23
CA PRO A 538 12.56 12.91 -17.03
C PRO A 538 11.89 12.56 -15.72
N LEU A 539 10.56 12.48 -15.73
CA LEU A 539 9.84 12.11 -14.51
C LEU A 539 9.93 10.60 -14.20
N VAL A 540 9.83 9.77 -15.22
CA VAL A 540 10.02 8.34 -15.00
C VAL A 540 11.50 8.08 -14.60
N LYS A 541 12.45 8.77 -15.24
CA LYS A 541 13.85 8.70 -14.76
C LYS A 541 13.98 9.16 -13.33
N LEU A 542 13.26 10.22 -12.96
CA LEU A 542 13.27 10.68 -11.59
C LEU A 542 12.79 9.61 -10.59
N ARG A 543 11.73 8.90 -10.96
CA ARG A 543 11.24 7.80 -10.15
C ARG A 543 12.41 6.82 -9.88
N TYR A 544 13.18 6.50 -10.90
CA TYR A 544 14.37 5.63 -10.70
C TYR A 544 15.50 6.27 -9.87
N ARG A 545 15.69 7.57 -9.99
CA ARG A 545 16.76 8.24 -9.22
C ARG A 545 16.40 8.31 -7.77
N MET A 546 15.09 8.35 -7.51
CA MET A 546 14.54 8.34 -6.17
C MET A 546 14.32 6.96 -5.49
N LEU A 547 14.67 5.88 -6.14
CA LEU A 547 14.58 4.54 -5.52
C LEU A 547 15.13 4.49 -4.11
N PRO A 548 16.27 5.15 -3.81
CA PRO A 548 16.63 5.07 -2.38
C PRO A 548 15.63 5.67 -1.43
N TYR A 549 14.97 6.77 -1.81
CA TYR A 549 13.93 7.35 -0.98
C TYR A 549 12.71 6.41 -0.87
N ILE A 550 12.28 5.85 -2.00
CA ILE A 550 11.06 5.07 -2.07
C ILE A 550 11.26 3.71 -1.38
N TYR A 551 12.38 3.05 -1.66
CA TYR A 551 12.73 1.76 -1.10
C TYR A 551 12.94 1.83 0.38
N THR A 552 13.46 2.96 0.88
CA THR A 552 13.57 3.18 2.32
C THR A 552 12.19 3.37 3.00
N ALA A 553 11.27 4.07 2.35
CA ALA A 553 9.87 4.13 2.87
C ALA A 553 9.21 2.72 2.87
N ALA A 554 9.50 1.92 1.86
CA ALA A 554 9.07 0.51 1.77
C ALA A 554 9.60 -0.33 2.92
N TYR A 555 10.89 -0.19 3.20
CA TYR A 555 11.49 -0.78 4.38
C TYR A 555 10.78 -0.37 5.67
N GLN A 556 10.53 0.92 5.84
CA GLN A 556 9.75 1.39 6.99
C GLN A 556 8.33 0.78 7.04
N ASN A 557 7.69 0.64 5.90
CA ASN A 557 6.35 -0.04 5.85
C ASN A 557 6.44 -1.50 6.30
N THR A 558 7.44 -2.23 5.86
CA THR A 558 7.69 -3.58 6.35
C THR A 558 7.92 -3.63 7.88
N LEU A 559 8.73 -2.69 8.38
CA LEU A 559 8.99 -2.64 9.82
C LEU A 559 7.80 -2.27 10.69
N THR A 560 7.05 -1.25 10.28
CA THR A 560 6.06 -0.61 11.15
C THR A 560 4.67 -0.43 10.57
N GLY A 561 4.44 -0.83 9.33
CA GLY A 561 3.19 -0.54 8.64
C GLY A 561 3.02 0.90 8.18
N MET A 562 4.05 1.76 8.35
CA MET A 562 3.92 3.16 7.98
C MET A 562 3.64 3.22 6.49
N PRO A 563 2.51 3.78 6.07
CA PRO A 563 2.29 3.73 4.65
C PRO A 563 3.23 4.67 3.90
N LEU A 564 3.35 4.45 2.60
CA LEU A 564 4.20 5.27 1.77
C LEU A 564 3.54 6.64 1.58
N MET A 565 2.23 6.63 1.29
CA MET A 565 1.45 7.85 1.19
C MET A 565 0.82 8.04 2.56
N ARG A 566 1.04 9.22 3.14
CA ARG A 566 0.48 9.57 4.45
C ARG A 566 -0.45 10.79 4.26
N PRO A 567 -1.58 10.82 5.00
CA PRO A 567 -2.50 11.95 4.86
C PRO A 567 -2.00 13.23 5.53
N LEU A 568 -2.50 14.37 5.05
CA LEU A 568 -2.19 15.67 5.63
C LEU A 568 -2.41 15.68 7.11
N PHE A 569 -3.43 14.97 7.59
CA PHE A 569 -3.74 14.97 9.02
C PHE A 569 -2.68 14.42 9.95
N PHE A 570 -1.76 13.61 9.45
CA PHE A 570 -0.59 13.20 10.24
C PHE A 570 0.23 14.41 10.76
N SER A 571 0.26 15.49 9.97
CA SER A 571 1.01 16.71 10.31
C SER A 571 0.52 17.42 11.57
N ASP A 572 -0.75 17.23 11.96
CA ASP A 572 -1.25 17.82 13.23
C ASP A 572 -2.42 16.99 13.79
N GLU A 573 -2.09 16.16 14.77
CA GLU A 573 -3.03 15.20 15.32
C GLU A 573 -4.13 15.83 16.14
N LYS A 574 -3.91 17.04 16.65
CA LYS A 574 -4.91 17.77 17.40
C LYS A 574 -5.75 18.73 16.56
N ASN A 575 -5.66 18.68 15.22
CA ASN A 575 -6.53 19.45 14.33
C ASN A 575 -7.32 18.42 13.50
N PRO A 576 -8.48 17.98 14.02
CA PRO A 576 -9.22 16.93 13.28
C PRO A 576 -9.84 17.42 11.95
N ALA A 577 -10.01 18.72 11.75
CA ALA A 577 -10.46 19.24 10.45
C ALA A 577 -9.59 18.85 9.26
N LEU A 578 -8.29 18.62 9.49
CA LEU A 578 -7.38 18.14 8.43
C LEU A 578 -7.73 16.75 7.92
N ILE A 579 -8.40 15.92 8.74
CA ILE A 579 -8.89 14.61 8.27
C ILE A 579 -9.66 14.73 6.93
N ASP A 580 -10.41 15.80 6.72
CA ASP A 580 -11.16 16.01 5.45
C ASP A 580 -10.34 16.16 4.19
N ASN A 581 -9.04 16.54 4.29
CA ASN A 581 -8.21 16.78 3.10
C ASN A 581 -7.90 15.49 2.29
N LYS A 582 -8.16 15.55 0.98
CA LYS A 582 -7.85 14.45 0.06
C LYS A 582 -7.23 14.98 -1.21
N THR A 583 -6.59 16.15 -1.12
CA THR A 583 -6.03 16.82 -2.28
C THR A 583 -4.49 17.01 -2.15
N SER A 584 -3.95 17.00 -0.93
CA SER A 584 -2.51 17.07 -0.61
C SER A 584 -2.19 15.91 0.32
N TYR A 585 -1.03 15.29 0.14
CA TYR A 585 -0.61 14.18 0.99
C TYR A 585 0.93 14.14 1.06
N PHE A 586 1.45 13.41 2.03
CA PHE A 586 2.89 13.15 2.13
C PHE A 586 3.32 11.88 1.36
N TRP A 587 4.35 12.02 0.52
CA TRP A 587 5.05 10.89 -0.09
C TRP A 587 6.35 10.75 0.70
N GLY A 588 6.41 9.69 1.49
CA GLY A 588 7.46 9.51 2.49
C GLY A 588 7.38 10.56 3.58
N ASP A 589 8.45 10.72 4.38
CA ASP A 589 8.50 11.76 5.42
C ASP A 589 8.51 13.22 4.91
N SER A 590 9.05 13.47 3.72
CA SER A 590 9.57 14.81 3.41
C SER A 590 8.90 15.61 2.30
N LEU A 591 8.08 14.95 1.46
CA LEU A 591 7.50 15.59 0.28
C LEU A 591 5.99 15.73 0.48
N LEU A 592 5.52 16.98 0.39
CA LEU A 592 4.08 17.30 0.39
C LEU A 592 3.67 17.51 -1.07
N VAL A 593 2.84 16.61 -1.58
CA VAL A 593 2.47 16.54 -2.97
C VAL A 593 1.01 17.02 -3.12
N THR A 594 0.72 17.84 -4.12
CA THR A 594 -0.64 18.28 -4.41
C THR A 594 -0.95 18.03 -5.88
N PRO A 595 -1.49 16.84 -6.23
CA PRO A 595 -1.75 16.57 -7.63
C PRO A 595 -2.72 17.56 -8.24
N ILE A 596 -2.57 17.83 -9.52
CA ILE A 596 -3.46 18.70 -10.27
C ILE A 596 -4.51 17.76 -10.85
N THR A 597 -5.78 18.02 -10.52
CA THR A 597 -6.86 17.11 -10.90
C THR A 597 -8.00 17.77 -11.66
N GLN A 598 -7.71 18.91 -12.31
CA GLN A 598 -8.62 19.51 -13.30
C GLN A 598 -7.82 20.11 -14.42
N ALA A 599 -8.44 20.28 -15.56
CA ALA A 599 -7.78 20.88 -16.71
C ALA A 599 -7.57 22.39 -16.51
N GLY A 600 -6.48 22.93 -17.07
CA GLY A 600 -6.21 24.37 -17.10
C GLY A 600 -5.91 25.11 -15.80
N VAL A 601 -5.72 24.38 -14.71
CA VAL A 601 -5.50 25.02 -13.42
C VAL A 601 -4.21 25.83 -13.50
N GLU A 602 -4.28 27.13 -13.18
CA GLU A 602 -3.12 28.06 -13.25
C GLU A 602 -2.36 28.24 -11.95
N SER A 603 -2.97 27.94 -10.82
CA SER A 603 -2.30 28.00 -9.55
C SER A 603 -3.05 27.12 -8.55
N VAL A 604 -2.43 26.85 -7.40
CA VAL A 604 -3.02 26.03 -6.33
C VAL A 604 -2.70 26.65 -5.00
N SER A 605 -3.57 26.40 -4.04
CA SER A 605 -3.37 26.82 -2.67
C SER A 605 -3.06 25.56 -1.88
N ILE A 606 -1.86 25.48 -1.33
CA ILE A 606 -1.37 24.27 -0.66
C ILE A 606 -1.42 24.50 0.80
N PRO A 607 -2.15 23.65 1.56
CA PRO A 607 -2.31 23.81 3.00
C PRO A 607 -1.12 23.28 3.82
N ALA A 608 0.05 23.85 3.54
CA ALA A 608 1.30 23.38 4.11
C ALA A 608 1.24 23.55 5.62
N PRO A 609 1.63 22.52 6.37
CA PRO A 609 1.79 22.78 7.79
C PRO A 609 2.79 23.92 8.08
N LYS A 610 2.59 24.55 9.23
CA LYS A 610 3.47 25.58 9.76
C LYS A 610 4.93 25.09 9.72
N GLY A 611 5.83 25.93 9.20
CA GLY A 611 7.24 25.63 9.19
C GLY A 611 7.81 26.18 7.92
N VAL A 612 8.94 25.60 7.48
CA VAL A 612 9.64 26.01 6.28
C VAL A 612 9.59 24.89 5.26
N TRP A 613 9.40 25.27 3.98
CA TRP A 613 9.09 24.35 2.89
C TRP A 613 9.80 24.87 1.67
N PHE A 614 10.36 23.98 0.86
CA PHE A 614 10.99 24.39 -0.36
C PHE A 614 10.25 23.85 -1.55
N ASP A 615 10.19 24.64 -2.64
CA ASP A 615 9.72 24.13 -3.96
C ASP A 615 10.69 23.04 -4.44
N PHE A 616 10.15 21.84 -4.61
CA PHE A 616 10.97 20.68 -4.97
C PHE A 616 11.62 20.91 -6.29
N TRP A 617 10.95 21.61 -7.20
CA TRP A 617 11.42 21.80 -8.55
C TRP A 617 12.28 23.05 -8.75
N LYS A 618 12.05 24.08 -7.96
CA LYS A 618 12.71 25.38 -8.16
C LYS A 618 13.67 25.82 -7.04
N ASP A 619 13.68 25.11 -5.90
N ASP A 619 13.70 25.07 -5.93
CA ASP A 619 14.55 25.41 -4.75
CA ASP A 619 14.52 25.34 -4.75
C ASP A 619 14.05 26.57 -3.89
C ASP A 619 14.13 26.64 -4.01
N THR A 620 12.94 27.20 -4.29
CA THR A 620 12.42 28.42 -3.60
C THR A 620 12.01 28.11 -2.17
N ARG A 621 12.39 28.97 -1.24
CA ARG A 621 12.12 28.77 0.19
C ARG A 621 10.84 29.55 0.54
N TYR A 622 9.92 28.88 1.25
CA TYR A 622 8.70 29.46 1.80
C TYR A 622 8.69 29.17 3.28
N GLN A 623 8.35 30.17 4.09
CA GLN A 623 8.11 30.00 5.52
C GLN A 623 6.62 30.26 5.69
N THR A 624 5.97 29.54 6.60
CA THR A 624 4.56 29.78 6.84
C THR A 624 4.19 29.58 8.28
N ASP A 625 3.36 30.51 8.73
CA ASP A 625 2.74 30.55 10.05
C ASP A 625 1.53 29.60 10.22
N GLY A 626 0.94 29.18 9.10
CA GLY A 626 -0.37 28.50 9.09
C GLY A 626 -1.12 28.77 7.80
N ALA A 627 -1.06 30.00 7.30
CA ALA A 627 -1.73 30.32 6.03
C ALA A 627 -1.24 29.42 4.87
N PRO A 628 -2.17 29.03 3.98
CA PRO A 628 -1.72 28.26 2.81
C PRO A 628 -0.79 29.03 1.86
N LEU A 629 -0.01 28.29 1.07
CA LEU A 629 0.90 28.83 0.09
C LEU A 629 0.29 28.68 -1.29
N THR A 630 0.35 29.73 -2.08
CA THR A 630 -0.16 29.70 -3.43
C THR A 630 1.02 29.54 -4.35
N LEU A 631 1.05 28.47 -5.14
CA LEU A 631 2.10 28.26 -6.09
C LEU A 631 1.47 28.27 -7.46
N PRO A 632 2.16 28.85 -8.44
CA PRO A 632 1.71 28.69 -9.83
C PRO A 632 1.99 27.27 -10.33
N THR A 633 1.30 26.86 -11.39
CA THR A 633 1.41 25.53 -11.97
C THR A 633 2.02 25.64 -13.32
N ASP A 634 2.52 24.53 -13.81
CA ASP A 634 3.00 24.44 -15.19
C ASP A 634 2.70 23.04 -15.67
N LEU A 635 2.82 22.82 -16.97
CA LEU A 635 2.46 21.53 -17.54
C LEU A 635 3.54 20.45 -17.29
N HIS A 636 4.79 20.87 -17.05
N HIS A 636 4.76 20.89 -17.01
CA HIS A 636 5.90 19.90 -16.89
CA HIS A 636 5.91 20.02 -16.89
C HIS A 636 6.00 19.28 -15.50
C HIS A 636 6.00 19.31 -15.53
N THR A 637 5.36 19.88 -14.50
CA THR A 637 5.41 19.34 -13.14
C THR A 637 4.05 19.42 -12.45
N ILE A 638 3.96 18.81 -11.27
CA ILE A 638 2.88 19.07 -10.32
C ILE A 638 3.49 19.59 -9.05
N PRO A 639 2.74 20.35 -8.26
CA PRO A 639 3.33 20.98 -7.05
C PRO A 639 3.77 20.04 -5.93
N VAL A 640 5.07 20.12 -5.59
CA VAL A 640 5.71 19.32 -4.56
C VAL A 640 6.56 20.26 -3.73
N LEU A 641 6.34 20.22 -2.43
CA LEU A 641 7.15 20.95 -1.47
C LEU A 641 7.97 19.98 -0.63
N VAL A 642 9.20 20.39 -0.30
CA VAL A 642 10.12 19.61 0.54
C VAL A 642 10.21 20.26 1.88
N LYS A 643 10.06 19.44 2.91
CA LYS A 643 10.10 19.88 4.26
C LYS A 643 11.53 20.28 4.65
N ALA A 644 11.71 21.43 5.28
CA ALA A 644 13.02 21.76 5.88
C ALA A 644 13.53 20.66 6.79
N GLY A 645 14.80 20.31 6.60
CA GLY A 645 15.44 19.25 7.37
C GLY A 645 15.40 17.91 6.68
N ALA A 646 14.83 17.85 5.48
CA ALA A 646 14.81 16.66 4.69
C ALA A 646 16.21 16.28 4.20
N PHE A 647 16.47 14.98 4.13
CA PHE A 647 17.57 14.38 3.36
C PHE A 647 16.94 13.62 2.19
N MET A 648 17.07 14.12 0.97
CA MET A 648 16.58 13.43 -0.24
C MET A 648 17.77 12.72 -0.93
N PRO A 649 17.75 11.37 -0.93
CA PRO A 649 18.85 10.60 -1.54
C PRO A 649 18.52 10.19 -2.96
N TYR A 650 19.51 10.30 -3.85
CA TYR A 650 19.35 9.90 -5.20
C TYR A 650 20.53 9.03 -5.67
N VAL A 651 20.25 8.16 -6.63
CA VAL A 651 21.29 7.46 -7.37
C VAL A 651 21.10 7.85 -8.83
N PRO A 652 22.09 7.53 -9.67
CA PRO A 652 21.87 7.79 -11.09
C PRO A 652 20.75 6.91 -11.68
N ALA A 653 20.06 7.43 -12.69
CA ALA A 653 18.95 6.73 -13.33
C ALA A 653 19.50 5.55 -14.08
N VAL A 654 18.82 4.42 -13.99
CA VAL A 654 19.14 3.23 -14.76
C VAL A 654 17.89 2.86 -15.57
N SER A 655 18.07 1.95 -16.49
CA SER A 655 16.98 1.46 -17.36
C SER A 655 16.10 0.41 -16.69
N THR A 656 16.66 -0.25 -15.69
CA THR A 656 16.01 -1.37 -15.01
C THR A 656 16.70 -1.50 -13.67
N THR A 657 15.93 -1.85 -12.64
CA THR A 657 16.47 -2.09 -11.35
C THR A 657 17.43 -3.29 -11.30
N GLU A 658 17.43 -4.15 -12.32
CA GLU A 658 18.45 -5.22 -12.38
C GLU A 658 19.88 -4.64 -12.52
N ASP A 659 19.99 -3.42 -13.08
CA ASP A 659 21.25 -2.67 -13.23
C ASP A 659 21.53 -1.73 -12.06
N TYR A 660 20.74 -1.78 -11.00
CA TYR A 660 20.85 -0.80 -9.93
C TYR A 660 22.26 -0.84 -9.30
N ARG A 661 22.83 0.34 -9.05
CA ARG A 661 24.03 0.50 -8.24
C ARG A 661 23.80 1.67 -7.29
N SER A 662 24.34 1.56 -6.10
CA SER A 662 24.47 2.67 -5.17
C SER A 662 25.91 3.13 -4.97
N ASP A 663 26.82 2.80 -5.90
CA ASP A 663 28.24 3.25 -5.80
C ASP A 663 28.38 4.79 -5.75
N SER A 664 27.45 5.46 -6.46
CA SER A 664 27.34 6.90 -6.49
C SER A 664 26.05 7.36 -5.83
N LEU A 665 26.15 8.14 -4.76
CA LEU A 665 25.01 8.76 -4.09
C LEU A 665 25.03 10.25 -4.26
N GLU A 666 23.84 10.86 -4.26
CA GLU A 666 23.70 12.28 -4.28
C GLU A 666 22.60 12.58 -3.32
N ILE A 667 22.92 13.33 -2.27
CA ILE A 667 22.01 13.56 -1.20
C ILE A 667 21.82 15.05 -1.03
N HIS A 668 20.56 15.48 -0.91
CA HIS A 668 20.21 16.87 -0.82
C HIS A 668 19.61 17.09 0.52
N TYR A 669 20.24 17.98 1.29
CA TYR A 669 19.79 18.36 2.61
C TYR A 669 19.20 19.77 2.58
N TYR A 670 17.99 19.92 3.07
CA TYR A 670 17.31 21.23 3.04
C TYR A 670 17.47 21.98 4.39
N ALA A 671 18.52 22.79 4.50
CA ALA A 671 18.84 23.40 5.81
C ALA A 671 17.99 24.62 6.10
N ASP A 672 17.64 24.72 7.35
CA ASP A 672 17.04 25.94 7.88
C ASP A 672 17.30 25.92 9.36
N ALA A 673 17.65 27.08 9.91
CA ALA A 673 17.89 27.20 11.38
C ALA A 673 16.67 26.83 12.22
N SER A 674 15.48 26.86 11.63
CA SER A 674 14.27 26.41 12.30
C SER A 674 14.27 24.93 12.62
N VAL A 675 15.16 24.14 12.01
CA VAL A 675 15.22 22.71 12.25
C VAL A 675 16.62 22.42 12.78
N PRO A 676 16.80 22.47 14.12
CA PRO A 676 18.14 22.29 14.69
C PRO A 676 18.64 20.86 14.71
N LEU A 677 17.74 19.91 14.46
CA LEU A 677 18.12 18.50 14.50
C LEU A 677 17.29 17.76 13.46
N ALA A 678 17.95 16.97 12.60
CA ALA A 678 17.28 16.25 11.54
C ALA A 678 17.94 14.91 11.28
N GLN A 679 17.17 13.95 10.78
CA GLN A 679 17.67 12.61 10.48
C GLN A 679 17.14 12.08 9.19
N GLY A 680 17.96 11.24 8.57
CA GLY A 680 17.56 10.53 7.38
C GLY A 680 18.16 9.15 7.42
N GLU A 681 17.63 8.26 6.60
CA GLU A 681 18.22 6.95 6.38
C GLU A 681 18.01 6.50 4.97
N ILE A 682 18.88 5.59 4.57
CA ILE A 682 18.84 4.93 3.30
C ILE A 682 19.05 3.44 3.57
N PHE A 683 18.07 2.63 3.18
CA PHE A 683 18.10 1.19 3.36
C PHE A 683 18.55 0.54 2.06
N GLU A 684 19.68 -0.18 2.09
CA GLU A 684 20.20 -0.88 0.91
CA GLU A 684 20.17 -0.87 0.92
C GLU A 684 20.27 -2.36 1.21
N ASP A 685 19.90 -3.19 0.24
CA ASP A 685 20.09 -4.64 0.35
C ASP A 685 20.18 -5.18 -1.03
N ASP A 686 20.13 -6.49 -1.22
CA ASP A 686 20.26 -6.99 -2.59
C ASP A 686 19.03 -6.78 -3.49
N GLY A 687 17.97 -6.17 -2.95
CA GLY A 687 16.76 -5.93 -3.70
C GLY A 687 15.88 -7.13 -4.01
N LYS A 688 16.26 -8.33 -3.57
CA LYS A 688 15.54 -9.56 -3.95
C LYS A 688 15.31 -10.62 -2.85
N ASP A 689 16.13 -10.63 -1.80
CA ASP A 689 16.11 -11.65 -0.75
C ASP A 689 14.97 -11.42 0.27
N PRO A 690 14.03 -12.39 0.40
CA PRO A 690 12.93 -12.21 1.33
C PRO A 690 13.36 -12.26 2.80
N ASN A 691 14.55 -12.79 3.08
CA ASN A 691 15.08 -12.83 4.42
C ASN A 691 16.11 -11.74 4.76
N SER A 692 16.28 -10.72 3.91
CA SER A 692 17.31 -9.69 4.16
C SER A 692 17.15 -9.00 5.51
N ILE A 693 15.95 -8.57 5.88
CA ILE A 693 15.75 -7.85 7.13
C ILE A 693 15.87 -8.77 8.36
N LYS A 694 15.23 -9.93 8.29
CA LYS A 694 15.29 -10.94 9.35
C LYS A 694 16.75 -11.30 9.70
N ARG A 695 17.56 -11.58 8.69
CA ARG A 695 18.97 -11.94 8.85
C ARG A 695 20.00 -10.77 8.89
N ASN A 696 19.53 -9.53 8.95
CA ASN A 696 20.40 -8.32 8.89
C ASN A 696 21.36 -8.27 7.73
N GLN A 697 20.97 -8.81 6.59
CA GLN A 697 21.77 -8.84 5.38
C GLN A 697 21.44 -7.56 4.60
N PHE A 698 21.77 -6.43 5.20
CA PHE A 698 21.54 -5.14 4.60
C PHE A 698 22.58 -4.12 5.08
N ASP A 699 22.51 -2.95 4.47
CA ASP A 699 23.38 -1.82 4.72
C ASP A 699 22.45 -0.63 4.97
N LEU A 700 22.36 -0.22 6.22
CA LEU A 700 21.48 0.85 6.60
C LEU A 700 22.30 2.10 6.88
N LEU A 701 22.23 3.05 5.96
CA LEU A 701 22.96 4.30 6.07
C LEU A 701 22.12 5.26 6.85
N THR A 702 22.68 5.89 7.86
CA THR A 702 22.02 6.95 8.62
C THR A 702 22.78 8.29 8.52
N LEU A 703 22.02 9.38 8.60
CA LEU A 703 22.53 10.73 8.51
C LEU A 703 21.84 11.55 9.54
N GLN A 704 22.62 12.28 10.34
CA GLN A 704 22.08 13.22 11.31
C GLN A 704 22.68 14.62 11.11
N ALA A 705 21.83 15.62 11.03
CA ALA A 705 22.25 17.00 10.97
C ALA A 705 22.00 17.70 12.28
N THR A 706 22.97 18.51 12.68
CA THR A 706 22.83 19.39 13.84
C THR A 706 23.14 20.81 13.38
N HIS A 707 22.17 21.70 13.54
CA HIS A 707 22.21 23.00 12.93
C HIS A 707 22.08 24.05 14.02
N THR A 708 23.19 24.69 14.36
CA THR A 708 23.21 25.76 15.37
C THR A 708 23.56 27.08 14.71
N ASP A 709 23.70 28.14 15.52
CA ASP A 709 23.99 29.49 15.01
C ASP A 709 25.25 29.56 14.19
N ASN A 710 26.31 28.89 14.62
CA ASN A 710 27.60 28.99 13.92
C ASN A 710 28.14 27.72 13.31
N GLN A 711 27.40 26.61 13.37
CA GLN A 711 27.85 25.41 12.68
C GLN A 711 26.74 24.53 12.14
N LEU A 712 27.13 23.67 11.20
CA LEU A 712 26.24 22.66 10.66
C LEU A 712 27.05 21.42 10.62
N HIS A 713 26.63 20.43 11.41
CA HIS A 713 27.37 19.20 11.62
C HIS A 713 26.56 18.03 11.08
N PHE A 714 27.18 17.18 10.25
CA PHE A 714 26.59 15.93 9.80
C PHE A 714 27.34 14.72 10.35
N GLN A 715 26.60 13.81 10.94
CA GLN A 715 27.12 12.55 11.42
C GLN A 715 26.57 11.44 10.53
N LEU A 716 27.47 10.75 9.85
CA LEU A 716 27.14 9.67 8.95
C LEU A 716 27.65 8.30 9.46
N ALA A 717 26.81 7.26 9.33
CA ALA A 717 27.08 5.91 9.82
C ALA A 717 26.38 4.84 8.98
N ARG A 718 26.86 3.59 9.11
CA ARG A 718 26.27 2.42 8.47
C ARG A 718 26.15 1.27 9.47
N THR A 719 25.00 0.60 9.47
CA THR A 719 24.80 -0.61 10.25
C THR A 719 24.36 -1.75 9.36
N GLY A 720 24.27 -2.94 9.99
CA GLY A 720 23.86 -4.15 9.33
C GLY A 720 25.08 -4.91 8.86
N LYS A 721 24.86 -6.15 8.46
CA LYS A 721 25.95 -7.04 8.07
C LYS A 721 26.32 -6.95 6.61
N GLY A 722 25.66 -6.06 5.86
CA GLY A 722 25.93 -5.97 4.42
C GLY A 722 25.30 -7.11 3.66
N TYR A 723 25.65 -7.21 2.38
CA TYR A 723 25.03 -8.13 1.45
C TYR A 723 26.01 -8.29 0.33
N ARG A 724 25.83 -9.34 -0.47
CA ARG A 724 26.75 -9.63 -1.57
C ARG A 724 26.65 -8.53 -2.63
N GLY A 725 27.78 -8.00 -3.07
CA GLY A 725 27.79 -6.86 -3.99
C GLY A 725 27.65 -5.47 -3.35
N MET A 726 27.56 -5.38 -2.04
CA MET A 726 27.48 -4.10 -1.37
C MET A 726 28.81 -3.34 -1.60
N PRO A 727 28.76 -2.09 -2.13
CA PRO A 727 30.04 -1.33 -2.19
C PRO A 727 30.58 -0.98 -0.81
N GLU A 728 31.87 -1.18 -0.59
CA GLU A 728 32.49 -0.80 0.67
C GLU A 728 32.56 0.73 0.78
N ARG A 729 32.77 1.42 -0.36
CA ARG A 729 32.90 2.87 -0.43
C ARG A 729 31.98 3.47 -1.49
N ARG A 730 31.19 4.46 -1.09
CA ARG A 730 30.29 5.17 -1.99
C ARG A 730 30.79 6.59 -2.17
N ALA A 731 30.93 6.98 -3.41
CA ALA A 731 31.17 8.37 -3.77
C ALA A 731 29.89 9.14 -3.52
N THR A 732 29.97 10.11 -2.64
CA THR A 732 28.83 10.84 -2.13
C THR A 732 28.96 12.34 -2.40
N THR A 733 27.96 12.92 -3.05
CA THR A 733 27.82 14.37 -3.18
C THR A 733 26.70 14.81 -2.28
N LEU A 734 26.98 15.66 -1.30
CA LEU A 734 25.98 16.20 -0.42
C LEU A 734 25.74 17.64 -0.82
N VAL A 735 24.51 17.96 -1.24
CA VAL A 735 24.14 19.31 -1.65
C VAL A 735 23.29 19.92 -0.58
N ILE A 736 23.76 21.00 0.05
CA ILE A 736 23.04 21.63 1.15
C ILE A 736 22.34 22.87 0.57
N HIS A 737 21.01 22.79 0.52
CA HIS A 737 20.18 23.89 0.03
C HIS A 737 20.00 24.85 1.14
N ASN A 738 19.85 26.12 0.78
CA ASN A 738 19.71 27.20 1.75
C ASN A 738 20.84 27.32 2.77
N ALA A 739 22.04 26.90 2.36
CA ALA A 739 23.24 26.98 3.15
C ALA A 739 23.68 28.44 3.39
N SER A 740 24.08 28.72 4.61
CA SER A 740 24.65 30.02 4.96
C SER A 740 25.82 30.33 4.05
N ASP A 741 25.93 31.60 3.66
CA ASP A 741 27.11 32.06 2.94
C ASP A 741 28.30 32.37 3.87
N GLN A 742 28.12 32.20 5.18
CA GLN A 742 29.14 32.50 6.18
C GLN A 742 30.05 31.31 6.58
N TYR A 743 29.87 30.11 6.03
CA TYR A 743 30.72 28.98 6.44
C TYR A 743 32.11 29.19 5.84
N GLN A 744 33.11 29.17 6.71
CA GLN A 744 34.51 29.39 6.34
C GLN A 744 35.23 28.10 5.96
N HIS A 745 35.04 27.04 6.76
CA HIS A 745 35.69 25.78 6.42
C HIS A 745 34.87 24.57 6.82
N LEU A 746 35.29 23.45 6.24
CA LEU A 746 34.77 22.14 6.45
C LEU A 746 35.84 21.34 7.17
N ASP A 747 35.48 20.67 8.27
CA ASP A 747 36.30 19.59 8.87
C ASP A 747 35.64 18.27 8.46
N ILE A 748 36.35 17.39 7.74
CA ILE A 748 35.89 16.02 7.52
C ILE A 748 36.77 15.10 8.35
N ASN A 749 36.22 14.48 9.38
CA ASN A 749 36.98 13.59 10.25
C ASN A 749 38.28 14.24 10.75
N GLY A 750 38.20 15.50 11.15
CA GLY A 750 39.34 16.26 11.69
C GLY A 750 40.24 16.99 10.70
N LYS A 751 40.06 16.70 9.43
CA LYS A 751 40.87 17.21 8.34
C LYS A 751 40.18 18.45 7.76
N THR A 752 40.86 19.58 7.83
CA THR A 752 40.28 20.87 7.44
C THR A 752 40.41 21.09 5.95
N ILE A 753 39.31 21.45 5.30
CA ILE A 753 39.21 21.68 3.86
C ILE A 753 38.64 23.09 3.63
N ALA A 754 39.25 23.87 2.75
CA ALA A 754 38.72 25.19 2.41
C ALA A 754 37.42 25.06 1.58
N ILE A 755 36.47 25.92 1.87
CA ILE A 755 35.26 26.03 1.04
C ILE A 755 35.53 27.05 -0.08
N ALA A 756 35.61 26.55 -1.31
CA ALA A 756 35.67 27.39 -2.51
C ALA A 756 34.37 28.22 -2.68
N GLN A 757 34.48 29.41 -3.27
CA GLN A 757 33.35 30.37 -3.38
C GLN A 757 33.10 30.75 -4.82
N ALA A 758 33.63 29.94 -5.75
CA ALA A 758 33.53 30.20 -7.16
C ALA A 758 33.64 28.87 -7.87
N ASP A 759 33.08 28.81 -9.09
CA ASP A 759 33.37 27.71 -10.01
C ASP A 759 33.01 26.32 -9.46
N CYS A 760 31.91 26.22 -8.74
CA CYS A 760 31.51 24.92 -8.08
C CYS A 760 31.16 23.88 -9.10
N ALA A 761 30.37 24.33 -10.08
CA ALA A 761 29.95 23.48 -11.18
C ALA A 761 31.11 23.16 -12.15
N SER A 762 32.22 23.91 -12.10
CA SER A 762 33.28 23.83 -13.12
C SER A 762 34.69 23.35 -12.65
N THR A 763 34.80 22.81 -11.43
CA THR A 763 36.05 22.27 -10.93
C THR A 763 35.69 21.02 -10.09
N PRO A 764 36.64 20.05 -9.97
CA PRO A 764 36.46 18.84 -9.12
C PRO A 764 36.57 19.21 -7.63
N ALA A 765 35.74 20.18 -7.23
CA ALA A 765 35.80 20.79 -5.91
C ALA A 765 35.29 19.81 -4.84
N LEU A 766 35.95 19.86 -3.68
CA LEU A 766 35.63 18.97 -2.59
C LEU A 766 34.61 19.68 -1.72
N ALA A 767 34.71 21.01 -1.62
CA ALA A 767 33.69 21.79 -0.95
C ALA A 767 33.56 23.12 -1.65
N CYS A 768 32.35 23.45 -2.08
CA CYS A 768 32.15 24.63 -2.89
C CYS A 768 30.76 25.26 -2.63
N TYR A 769 30.75 26.57 -2.40
CA TYR A 769 29.54 27.34 -2.18
C TYR A 769 29.17 28.08 -3.47
N ASP A 770 27.94 27.83 -3.93
CA ASP A 770 27.37 28.48 -5.09
C ASP A 770 26.50 29.62 -4.58
N GLN A 771 26.99 30.85 -4.70
CA GLN A 771 26.31 32.02 -4.12
C GLN A 771 24.98 32.37 -4.82
N GLU A 772 24.89 32.12 -6.12
CA GLU A 772 23.71 32.38 -6.92
C GLU A 772 22.57 31.39 -6.58
N ARG A 773 22.89 30.13 -6.25
CA ARG A 773 21.85 29.14 -5.84
C ARG A 773 21.72 28.92 -4.33
N ARG A 774 22.57 29.52 -3.51
CA ARG A 774 22.60 29.25 -2.06
C ARG A 774 22.75 27.74 -1.73
N GLN A 775 23.61 27.08 -2.47
CA GLN A 775 23.89 25.67 -2.30
C GLN A 775 25.37 25.47 -1.99
N LEU A 776 25.63 24.70 -0.93
CA LEU A 776 26.97 24.28 -0.56
C LEU A 776 27.12 22.81 -0.92
N GLN A 777 28.07 22.47 -1.77
CA GLN A 777 28.26 21.10 -2.27
C GLN A 777 29.51 20.49 -1.63
N LEU A 778 29.36 19.35 -0.96
CA LEU A 778 30.50 18.57 -0.42
C LEU A 778 30.62 17.26 -1.15
N VAL A 779 31.81 16.90 -1.62
CA VAL A 779 32.01 15.62 -2.32
C VAL A 779 33.09 14.85 -1.55
N PHE A 780 32.79 13.57 -1.26
CA PHE A 780 33.60 12.76 -0.33
C PHE A 780 33.34 11.25 -0.52
N THR A 781 34.07 10.41 0.19
CA THR A 781 33.96 8.98 0.08
C THR A 781 33.32 8.55 1.37
N TRP A 782 32.22 7.81 1.29
CA TRP A 782 31.53 7.31 2.46
C TRP A 782 31.78 5.79 2.53
N GLY A 783 32.66 5.44 3.47
CA GLY A 783 33.10 4.08 3.66
C GLY A 783 32.36 3.49 4.83
N ARG A 784 32.87 2.39 5.36
CA ARG A 784 32.14 1.65 6.40
C ARG A 784 32.24 2.28 7.79
N GLU A 785 33.33 3.01 8.01
CA GLU A 785 33.49 3.74 9.28
C GLU A 785 32.67 5.03 9.33
N ALA A 786 32.43 5.46 10.55
CA ALA A 786 31.70 6.68 10.80
C ALA A 786 32.43 7.89 10.22
N LEU A 787 31.66 8.86 9.79
CA LEU A 787 32.14 10.03 9.11
C LEU A 787 31.43 11.23 9.71
N ASN A 788 32.20 12.24 10.10
CA ASN A 788 31.65 13.47 10.59
C ASN A 788 32.11 14.64 9.73
N LEU A 789 31.15 15.48 9.35
CA LEU A 789 31.40 16.62 8.46
C LEU A 789 30.96 17.83 9.24
N ARG A 790 31.86 18.78 9.48
CA ARG A 790 31.52 19.93 10.31
C ARG A 790 31.78 21.20 9.53
N LEU A 791 30.76 22.04 9.38
CA LEU A 791 30.91 23.33 8.72
C LEU A 791 30.86 24.40 9.81
N HIS A 792 31.78 25.37 9.83
CA HIS A 792 31.89 26.38 10.91
C HIS A 792 31.97 27.76 10.29
N LYS A 793 31.36 28.75 10.93
CA LYS A 793 31.44 30.15 10.47
C LYS A 793 32.75 30.89 10.81
S SO4 B . 9.51 -21.88 -26.30
O1 SO4 B . 8.24 -21.62 -25.59
O2 SO4 B . 10.29 -22.90 -25.54
O3 SO4 B . 10.33 -20.67 -26.45
O4 SO4 B . 9.14 -22.41 -27.62
S SO4 C . -11.61 -19.90 16.89
O1 SO4 C . -12.07 -21.02 17.75
O2 SO4 C . -11.50 -18.64 17.68
O3 SO4 C . -12.57 -19.75 15.78
O4 SO4 C . -10.33 -20.30 16.33
S SO4 D . 27.29 27.25 18.16
O1 SO4 D . 26.01 27.90 18.52
O2 SO4 D . 27.45 25.99 18.93
O3 SO4 D . 28.42 28.18 18.41
O4 SO4 D . 27.30 26.94 16.70
S SO4 E . 4.41 13.62 -32.75
O1 SO4 E . 4.58 12.38 -31.95
O2 SO4 E . 4.43 14.84 -31.90
O3 SO4 E . 3.09 13.52 -33.43
O4 SO4 E . 5.52 13.67 -33.73
S SO4 F . 0.97 2.81 21.91
O1 SO4 F . -0.15 3.33 22.75
O2 SO4 F . 0.97 1.33 21.97
O3 SO4 F . 2.27 3.33 22.39
O4 SO4 F . 0.78 3.27 20.51
S SO4 G . -10.25 -5.83 -31.48
O1 SO4 G . -11.26 -5.09 -32.26
O2 SO4 G . -10.52 -5.60 -30.05
O3 SO4 G . -10.34 -7.29 -31.80
O4 SO4 G . -8.91 -5.32 -31.85
S SO4 H . 36.72 1.88 4.04
O1 SO4 H . 35.39 1.27 4.39
O2 SO4 H . 37.66 1.58 5.17
O3 SO4 H . 37.27 1.29 2.81
O4 SO4 H . 36.66 3.36 3.87
O1 PG4 I . 19.96 14.37 -11.56
C1 PG4 I . 19.78 15.61 -10.87
C2 PG4 I . 19.93 15.40 -9.37
O2 PG4 I . 18.97 16.14 -8.59
C3 PG4 I . 17.68 15.55 -8.45
C4 PG4 I . 16.69 16.49 -7.80
O3 PG4 I . 15.40 16.27 -8.36
C5 PG4 I . 14.93 17.29 -9.25
C6 PG4 I . 14.08 16.55 -10.26
O4 PG4 I . 13.98 17.09 -11.59
C7 PG4 I . 13.60 16.06 -12.54
C8 PG4 I . 13.35 16.62 -13.94
O5 PG4 I . 12.07 17.27 -14.06
C1 EDO J . 25.41 -3.46 -12.83
O1 EDO J . 25.38 -4.56 -11.92
C2 EDO J . 25.06 -3.97 -14.23
O2 EDO J . 24.88 -2.89 -15.16
C1 EDO K . 9.23 -31.02 0.95
O1 EDO K . 9.97 -31.79 0.00
C2 EDO K . 8.87 -29.64 0.38
O2 EDO K . 8.27 -29.73 -0.92
C1 EDO L . 31.27 2.47 13.63
O1 EDO L . 30.55 3.42 12.80
C2 EDO L . 32.72 2.38 13.19
O2 EDO L . 33.28 3.69 13.06
C1 EDO M . -19.96 -19.90 9.76
O1 EDO M . -19.65 -18.89 10.76
C2 EDO M . -21.46 -20.10 9.55
O2 EDO M . -22.07 -18.92 9.01
C1 EDO N . 5.57 -11.81 -37.40
O1 EDO N . 4.25 -11.48 -36.95
C2 EDO N . 6.17 -12.89 -36.49
O2 EDO N . 6.92 -13.82 -37.28
C1 EDO O . 4.97 12.77 7.39
O1 EDO O . 4.81 11.35 7.33
C2 EDO O . 3.85 13.37 8.24
O2 EDO O . 4.37 14.26 9.23
C1 94B P . -10.71 -6.06 -15.43
C2 94B P . -9.42 -5.54 -14.81
C3 94B P . -8.45 -4.84 -15.75
C4 94B P . -8.15 -5.78 -16.92
C5 94B P . -9.41 -6.16 -17.74
C6 94B P . -9.12 -7.36 -18.67
C7 94B P . -10.66 -6.43 -16.91
O6 94B P . -8.60 -8.49 -17.98
O4 94B P . -7.20 -5.18 -17.75
O2 94B P . -7.26 -4.58 -15.01
O3 94B P . -9.84 -4.78 -13.69
N12 94B P . -11.42 -5.25 -16.43
C1 OXL Q . 22.39 31.61 7.92
C2 OXL Q . 21.99 30.56 8.94
O1 OXL Q . 23.45 32.27 7.92
O2 OXL Q . 20.80 30.50 9.31
O3 OXL Q . 21.66 31.89 6.97
O4 OXL Q . 22.73 29.69 9.49
#